data_2WB5
#
_entry.id   2WB5
#
_cell.length_a   129.817
_cell.length_b   145.723
_cell.length_c   152.331
_cell.angle_alpha   90.00
_cell.angle_beta   90.00
_cell.angle_gamma   90.00
#
_symmetry.space_group_name_H-M   'I 21 21 21'
#
loop_
_entity.id
_entity.type
_entity.pdbx_description
1 polymer 'O-GLCNACASE NAGJ'
2 non-polymer 'CHLORIDE ION'
3 non-polymer 'SODIUM ION'
4 non-polymer (5R,6R,7R,8S)-6,7-dihydroxy-5-(hydroxymethyl)-2-(2-phenylethyl)-8-(propanoylamino)-5,6,7,8-tetrahydro-1H-imidazo[1,2-a]pyridin-4-ium
5 water water
#
_entity_poly.entity_id   1
_entity_poly.type   'polypeptide(L)'
_entity_poly.pdbx_seq_one_letter_code
;VGPKTGEENQVLVPNLNPTPENLEVVGDGFKITSSINLVGEEEADENAVNALREFLTANNIEINSENDPNSTTLIIGEVD
DDIPELDEALNGTTAENLKEEGYALVSNDGKIAIEGKDGDGTFYGVQTFKQLVKESNIPEVNITDYPTVSARGIVEGFYG
TPWTHQDRLDQIKFYGENKLNTYIYAPKDDPYHREKWREPYPESEMQRMQELINASAENKVDFVFGISPGIDIRFDGDAG
EEDFNHLITKAESLYDMGVRSFAIYWDDIQDKSAAKHAQVLNRFNEEFVKAKGDVKPLITVPTEYDTGAMVSNGQPRAYT
RIFAETVDPSIEVMWTGPGVVTNEIPLSDAQLISGIYDRNMAVWWNYPVTDYFKGKLALGPMHGLDKGLNQYVDFFTVNP
MEHAELSKISIHTAADYSWNMDNYDYDKAWNRAIDMLYGDLAEDMKVFANHSTRMDNKTWAKSGREDAPELRAKMDELWN
KLSSKEDASALIEELYGEFARMEEACNNLKANLPEVALEECSRQLDELITLAQGDKASLDMIVAQLNEDTEAYESAKEIA
QNKLNTALSSFAVISEKVAQSFIQEALSFDLTLI
;
_entity_poly.pdbx_strand_id   A,B
#
loop_
_chem_comp.id
_chem_comp.type
_chem_comp.name
_chem_comp.formula
CL non-polymer 'CHLORIDE ION' 'Cl -1'
NA non-polymer 'SODIUM ION' 'Na 1'
VGB non-polymer (5R,6R,7R,8S)-6,7-dihydroxy-5-(hydroxymethyl)-2-(2-phenylethyl)-8-(propanoylamino)-5,6,7,8-tetrahydro-1H-imidazo[1,2-a]pyridin-4-ium 'C19 H26 N3 O4 1'
#
# COMPACT_ATOMS: atom_id res chain seq x y z
N GLN A 10 36.44 -26.82 -18.64
CA GLN A 10 37.89 -27.08 -18.86
C GLN A 10 38.77 -25.85 -18.60
N VAL A 11 38.78 -25.31 -17.37
CA VAL A 11 37.87 -25.68 -16.28
C VAL A 11 37.43 -24.43 -15.52
N LEU A 12 36.11 -24.28 -15.37
CA LEU A 12 35.47 -23.10 -14.82
C LEU A 12 35.67 -22.91 -13.31
N VAL A 13 35.59 -21.65 -12.86
CA VAL A 13 35.58 -21.34 -11.44
C VAL A 13 34.21 -21.61 -10.83
N PRO A 14 34.16 -22.36 -9.71
CA PRO A 14 32.93 -22.72 -8.99
C PRO A 14 32.44 -21.54 -8.20
N ASN A 15 31.15 -21.56 -7.85
CA ASN A 15 30.59 -20.52 -7.01
C ASN A 15 31.52 -20.29 -5.84
N LEU A 16 31.81 -19.03 -5.55
CA LEU A 16 32.62 -18.73 -4.38
C LEU A 16 31.87 -17.82 -3.42
N ASN A 17 31.95 -18.10 -2.13
CA ASN A 17 31.42 -17.15 -1.17
C ASN A 17 32.34 -17.04 0.02
N PRO A 18 32.73 -15.80 0.38
CA PRO A 18 32.42 -14.52 -0.30
C PRO A 18 33.06 -14.35 -1.68
N THR A 19 32.76 -13.26 -2.36
CA THR A 19 33.42 -12.97 -3.62
C THR A 19 34.80 -12.38 -3.31
N PRO A 20 35.86 -13.07 -3.74
CA PRO A 20 37.20 -12.56 -3.40
C PRO A 20 37.49 -11.19 -4.04
N GLU A 21 38.27 -10.35 -3.37
CA GLU A 21 38.59 -9.04 -3.91
C GLU A 21 39.23 -9.16 -5.30
N ASN A 22 40.25 -9.99 -5.42
CA ASN A 22 40.89 -10.13 -6.72
C ASN A 22 41.08 -11.55 -7.18
N LEU A 23 40.56 -11.78 -8.38
CA LEU A 23 40.55 -13.11 -8.95
C LEU A 23 40.60 -12.97 -10.46
N GLU A 24 41.59 -13.63 -11.06
CA GLU A 24 41.55 -13.85 -12.50
C GLU A 24 42.09 -15.19 -12.94
N VAL A 25 41.44 -15.72 -13.96
CA VAL A 25 41.81 -16.96 -14.58
C VAL A 25 43.09 -16.70 -15.37
N VAL A 26 44.14 -17.44 -15.03
CA VAL A 26 45.40 -17.40 -15.75
C VAL A 26 45.88 -18.82 -16.08
N GLY A 27 44.94 -19.72 -16.36
CA GLY A 27 45.24 -21.12 -16.69
C GLY A 27 44.01 -21.98 -16.95
N ASP A 28 44.23 -23.22 -17.39
CA ASP A 28 43.13 -24.15 -17.72
C ASP A 28 42.78 -25.06 -16.55
N GLY A 29 43.52 -24.94 -15.46
CA GLY A 29 43.27 -25.79 -14.33
C GLY A 29 43.74 -27.19 -14.61
N PHE A 30 43.55 -28.08 -13.64
CA PHE A 30 44.24 -29.33 -13.65
C PHE A 30 43.74 -30.19 -12.50
N LYS A 31 43.91 -31.49 -12.61
CA LYS A 31 43.46 -32.38 -11.58
C LYS A 31 44.51 -32.53 -10.49
N ILE A 32 44.03 -32.56 -9.27
CA ILE A 32 44.83 -32.86 -8.10
C ILE A 32 44.87 -34.37 -7.90
N THR A 33 46.08 -34.89 -7.69
CA THR A 33 46.33 -36.32 -7.59
C THR A 33 45.82 -37.01 -6.31
N SER A 34 45.63 -38.33 -6.40
CA SER A 34 45.27 -39.11 -5.23
C SER A 34 46.05 -38.64 -4.01
N SER A 35 47.20 -38.05 -4.25
CA SER A 35 48.23 -37.71 -3.30
C SER A 35 48.85 -36.36 -3.68
N ILE A 36 48.93 -35.47 -2.70
CA ILE A 36 49.60 -34.18 -2.90
C ILE A 36 50.87 -34.03 -2.05
N ASN A 37 51.67 -33.05 -2.44
CA ASN A 37 52.79 -32.53 -1.62
C ASN A 37 52.33 -31.47 -0.64
N LEU A 38 52.55 -31.76 0.66
CA LEU A 38 52.31 -30.85 1.81
C LEU A 38 53.59 -30.15 2.25
N VAL A 39 53.58 -28.82 2.10
CA VAL A 39 54.70 -27.97 2.50
C VAL A 39 54.18 -26.80 3.34
N GLY A 40 54.75 -26.67 4.53
CA GLY A 40 54.42 -25.55 5.41
C GLY A 40 53.61 -25.88 6.65
N GLU A 41 52.98 -27.05 6.69
CA GLU A 41 52.09 -27.41 7.81
C GLU A 41 52.71 -27.07 9.17
N GLU A 42 54.04 -27.05 9.21
CA GLU A 42 54.80 -26.92 10.46
C GLU A 42 54.75 -25.50 10.97
N GLU A 43 54.81 -24.56 10.02
CA GLU A 43 54.86 -23.13 10.32
C GLU A 43 53.46 -22.53 10.23
N ALA A 44 52.77 -22.82 9.14
CA ALA A 44 51.44 -22.29 8.89
C ALA A 44 50.58 -22.35 10.14
N ASP A 45 49.60 -21.45 10.20
CA ASP A 45 48.59 -21.41 11.26
C ASP A 45 48.02 -22.79 11.60
N GLU A 46 47.98 -23.07 12.90
CA GLU A 46 47.41 -24.29 13.46
C GLU A 46 46.00 -24.60 12.96
N ASN A 47 45.10 -23.63 13.04
CA ASN A 47 43.71 -23.83 12.64
C ASN A 47 43.54 -23.94 11.13
N ALA A 48 44.36 -23.22 10.37
CA ALA A 48 44.23 -23.27 8.92
C ALA A 48 44.58 -24.69 8.45
N VAL A 49 45.48 -25.35 9.17
CA VAL A 49 45.97 -26.68 8.82
C VAL A 49 44.97 -27.79 9.18
N ASN A 50 44.38 -27.72 10.37
CA ASN A 50 43.40 -28.75 10.73
C ASN A 50 42.19 -28.71 9.83
N ALA A 51 41.91 -27.53 9.28
CA ALA A 51 40.82 -27.37 8.33
C ALA A 51 41.21 -27.98 6.99
N LEU A 52 42.49 -27.84 6.64
CA LEU A 52 43.02 -28.47 5.42
C LEU A 52 42.97 -30.00 5.51
N ARG A 53 43.54 -30.55 6.58
CA ARG A 53 43.56 -32.01 6.78
C ARG A 53 42.16 -32.62 6.77
N GLU A 54 41.19 -31.89 7.30
CA GLU A 54 39.82 -32.40 7.34
C GLU A 54 39.24 -32.49 5.95
N PHE A 55 39.43 -31.42 5.18
CA PHE A 55 39.01 -31.36 3.79
C PHE A 55 39.72 -32.45 3.00
N LEU A 56 41.04 -32.53 3.18
CA LEU A 56 41.83 -33.53 2.52
C LEU A 56 41.31 -34.93 2.83
N THR A 57 41.21 -35.26 4.11
CA THR A 57 40.61 -36.51 4.50
C THR A 57 39.31 -36.66 3.71
N ALA A 58 38.29 -35.90 4.10
CA ALA A 58 36.94 -36.03 3.51
C ALA A 58 36.91 -36.33 2.01
N ASN A 59 37.94 -35.93 1.28
CA ASN A 59 37.91 -36.00 -0.18
C ASN A 59 38.81 -37.03 -0.86
N ASN A 60 39.28 -38.03 -0.11
CA ASN A 60 40.11 -39.13 -0.66
C ASN A 60 41.38 -38.59 -1.31
N ILE A 61 42.04 -37.70 -0.58
CA ILE A 61 43.22 -37.00 -1.04
C ILE A 61 44.30 -37.12 0.03
N GLU A 62 45.27 -38.00 -0.27
CA GLU A 62 46.42 -38.27 0.61
C GLU A 62 47.52 -37.21 0.57
N ILE A 63 48.12 -37.08 1.75
CA ILE A 63 49.31 -36.23 2.00
C ILE A 63 50.65 -37.09 1.86
N ASN A 64 51.50 -36.70 0.93
CA ASN A 64 52.76 -37.40 0.69
C ASN A 64 53.72 -37.40 1.89
N SER A 65 54.16 -38.60 2.28
CA SER A 65 54.99 -38.75 3.46
C SER A 65 56.28 -38.04 3.12
N GLU A 66 56.47 -37.79 1.80
CA GLU A 66 57.69 -37.10 1.20
C GLU A 66 57.40 -37.01 -0.32
N ASN A 67 58.18 -36.17 -1.14
CA ASN A 67 57.84 -35.70 -2.47
C ASN A 67 57.06 -36.51 -3.47
N ASP A 68 57.62 -36.47 -4.65
CA ASP A 68 56.94 -36.88 -5.83
C ASP A 68 56.34 -38.32 -5.85
N PRO A 69 55.97 -38.77 -7.01
CA PRO A 69 56.15 -37.88 -8.14
C PRO A 69 55.55 -36.40 -8.00
N ASN A 70 55.64 -35.74 -9.13
CA ASN A 70 54.45 -35.60 -9.93
C ASN A 70 53.20 -35.26 -9.10
N SER A 71 53.25 -35.56 -7.80
CA SER A 71 52.17 -35.15 -6.89
C SER A 71 51.74 -33.71 -7.22
N THR A 72 50.50 -33.36 -6.92
CA THR A 72 50.10 -31.98 -6.91
C THR A 72 50.74 -31.35 -5.70
N THR A 73 51.17 -30.10 -5.87
CA THR A 73 52.01 -29.40 -4.89
C THR A 73 51.17 -28.33 -4.19
N LEU A 74 50.91 -28.54 -2.92
CA LEU A 74 50.20 -27.59 -2.07
C LEU A 74 51.11 -27.03 -1.01
N ILE A 75 51.16 -25.70 -0.96
CA ILE A 75 52.10 -24.91 -0.15
C ILE A 75 51.36 -23.81 0.59
N ILE A 76 51.62 -23.73 1.88
CA ILE A 76 50.82 -22.92 2.78
C ILE A 76 51.62 -22.27 3.90
N GLY A 77 51.27 -21.04 4.24
CA GLY A 77 51.88 -20.31 5.37
C GLY A 77 51.61 -18.81 5.37
N GLU A 78 52.12 -18.12 6.38
CA GLU A 78 51.91 -16.66 6.53
C GLU A 78 52.85 -15.84 5.61
N VAL A 79 53.27 -14.68 6.06
CA VAL A 79 54.32 -13.94 5.35
C VAL A 79 55.48 -13.69 6.28
N ASP A 80 55.17 -13.48 7.55
CA ASP A 80 56.09 -13.65 8.65
C ASP A 80 56.75 -15.00 8.41
N ASP A 81 56.07 -16.06 8.83
CA ASP A 81 56.42 -17.38 8.36
C ASP A 81 57.15 -16.97 7.08
N ASP A 82 58.15 -17.73 6.68
CA ASP A 82 58.94 -17.29 5.55
C ASP A 82 59.59 -18.48 4.85
N ILE A 83 58.96 -18.89 3.75
CA ILE A 83 59.31 -20.11 3.04
C ILE A 83 59.65 -19.83 1.58
N PRO A 84 60.52 -20.66 1.00
CA PRO A 84 61.01 -20.49 -0.36
C PRO A 84 59.96 -20.86 -1.42
N GLU A 85 59.42 -22.08 -1.34
CA GLU A 85 58.42 -22.52 -2.31
C GLU A 85 57.22 -21.56 -2.36
N LEU A 86 56.87 -20.98 -1.22
CA LEU A 86 55.73 -20.09 -1.20
C LEU A 86 55.97 -18.98 -2.21
N ASP A 87 57.09 -18.29 -2.09
CA ASP A 87 57.37 -17.15 -2.94
C ASP A 87 57.41 -17.52 -4.42
N GLU A 88 58.24 -18.49 -4.81
CA GLU A 88 58.29 -18.93 -6.20
C GLU A 88 56.89 -19.35 -6.65
N ALA A 89 56.20 -20.07 -5.76
CA ALA A 89 54.85 -20.54 -6.02
C ALA A 89 53.96 -19.38 -6.43
N LEU A 90 53.84 -18.40 -5.52
CA LEU A 90 53.06 -17.18 -5.75
C LEU A 90 53.48 -16.48 -7.02
N ASN A 91 54.80 -16.39 -7.21
CA ASN A 91 55.37 -15.91 -8.44
C ASN A 91 54.82 -14.59 -8.95
N GLY A 92 54.95 -13.55 -8.13
CA GLY A 92 54.42 -12.24 -8.47
C GLY A 92 53.41 -11.74 -7.45
N THR A 93 52.58 -12.65 -6.93
CA THR A 93 51.58 -12.28 -5.92
C THR A 93 52.04 -12.38 -4.48
N THR A 94 51.58 -11.43 -3.67
CA THR A 94 51.89 -11.42 -2.25
C THR A 94 50.70 -10.94 -1.41
N ALA A 95 50.63 -11.43 -0.19
CA ALA A 95 49.64 -10.96 0.76
C ALA A 95 50.29 -9.98 1.73
N GLU A 96 51.41 -9.40 1.31
CA GLU A 96 52.23 -8.57 2.18
C GLU A 96 51.60 -7.20 2.40
N ASN A 97 50.87 -6.70 1.41
CA ASN A 97 50.31 -5.35 1.49
C ASN A 97 48.78 -5.29 1.69
N LEU A 98 48.24 -6.23 2.46
CA LEU A 98 46.79 -6.31 2.63
C LEU A 98 46.35 -6.20 4.09
N LYS A 99 45.06 -5.88 4.31
CA LYS A 99 44.54 -5.80 5.67
C LYS A 99 44.73 -7.11 6.45
N GLU A 100 44.61 -7.03 7.77
CA GLU A 100 44.45 -8.25 8.57
C GLU A 100 43.41 -9.11 7.87
N GLU A 101 43.51 -10.43 8.08
CA GLU A 101 42.63 -11.44 7.45
C GLU A 101 42.78 -11.58 5.94
N GLY A 102 43.73 -10.86 5.35
CA GLY A 102 43.99 -10.94 3.92
C GLY A 102 44.84 -12.16 3.59
N TYR A 103 44.77 -12.62 2.35
CA TYR A 103 45.59 -13.76 1.91
C TYR A 103 45.80 -13.66 0.39
N ALA A 104 46.67 -14.53 -0.11
CA ALA A 104 46.82 -14.75 -1.54
C ALA A 104 46.68 -16.24 -1.87
N LEU A 105 46.21 -16.52 -3.08
CA LEU A 105 46.14 -17.88 -3.55
C LEU A 105 46.41 -17.91 -5.05
N VAL A 106 47.37 -18.73 -5.45
CA VAL A 106 47.55 -19.02 -6.86
C VAL A 106 47.67 -20.52 -7.06
N SER A 107 46.84 -21.02 -7.97
CA SER A 107 46.94 -22.37 -8.43
C SER A 107 47.65 -22.33 -9.78
N ASN A 108 48.97 -22.61 -9.77
CA ASN A 108 49.83 -22.67 -10.97
C ASN A 108 49.90 -24.11 -11.42
N ASP A 109 49.61 -24.40 -12.69
CA ASP A 109 49.68 -25.78 -13.17
C ASP A 109 50.61 -26.67 -12.30
N GLY A 110 49.94 -27.46 -11.41
CA GLY A 110 50.60 -28.34 -10.44
C GLY A 110 50.49 -27.84 -9.06
N LYS A 111 50.85 -26.49 -8.99
CA LYS A 111 51.06 -25.75 -7.75
C LYS A 111 49.78 -25.12 -7.19
N ILE A 112 49.72 -25.04 -5.86
CA ILE A 112 48.67 -24.37 -5.12
C ILE A 112 49.32 -23.66 -3.95
N ALA A 113 49.27 -22.33 -3.98
CA ALA A 113 49.99 -21.52 -2.99
C ALA A 113 49.03 -20.69 -2.16
N ILE A 114 49.15 -20.83 -0.84
CA ILE A 114 48.29 -20.10 0.10
C ILE A 114 49.11 -19.38 1.18
N GLU A 115 49.14 -18.05 1.14
CA GLU A 115 49.69 -17.26 2.24
C GLU A 115 48.74 -16.15 2.66
N GLY A 116 48.43 -16.10 3.94
CA GLY A 116 47.61 -15.02 4.44
C GLY A 116 48.53 -14.03 5.13
N LYS A 117 48.04 -12.82 5.40
CA LYS A 117 48.85 -11.86 6.14
C LYS A 117 49.09 -12.33 7.58
N ASP A 118 48.03 -12.86 8.20
CA ASP A 118 48.09 -13.37 9.55
C ASP A 118 47.48 -14.77 9.54
N GLY A 119 47.46 -15.44 10.68
CA GLY A 119 46.83 -16.77 10.72
C GLY A 119 45.40 -16.76 10.18
N ASP A 120 44.62 -15.74 10.56
CA ASP A 120 43.29 -15.58 10.05
C ASP A 120 43.23 -15.73 8.53
N GLY A 121 44.09 -14.99 7.81
CA GLY A 121 44.01 -14.96 6.35
C GLY A 121 44.43 -16.28 5.73
N THR A 122 45.27 -17.03 6.42
CA THR A 122 45.66 -18.34 5.92
C THR A 122 44.42 -19.24 5.95
N PHE A 123 43.89 -19.46 7.16
CA PHE A 123 42.59 -20.13 7.32
C PHE A 123 41.58 -19.78 6.21
N TYR A 124 41.37 -18.48 5.95
CA TYR A 124 40.42 -18.08 4.92
C TYR A 124 40.90 -18.51 3.53
N GLY A 125 42.20 -18.44 3.34
CA GLY A 125 42.77 -18.92 2.10
C GLY A 125 42.40 -20.38 1.93
N VAL A 126 42.36 -21.12 3.03
CA VAL A 126 41.99 -22.54 2.92
C VAL A 126 40.53 -22.64 2.53
N GLN A 127 39.70 -21.79 3.12
CA GLN A 127 38.27 -21.86 2.85
C GLN A 127 38.01 -21.65 1.37
N THR A 128 38.76 -20.73 0.77
CA THR A 128 38.63 -20.47 -0.65
C THR A 128 39.13 -21.67 -1.48
N PHE A 129 40.21 -22.29 -1.02
CA PHE A 129 40.69 -23.54 -1.63
C PHE A 129 39.55 -24.55 -1.64
N LYS A 130 38.98 -24.77 -0.47
CA LYS A 130 37.94 -25.76 -0.30
C LYS A 130 36.82 -25.57 -1.30
N GLN A 131 36.42 -24.33 -1.52
CA GLN A 131 35.39 -24.00 -2.48
C GLN A 131 35.84 -24.12 -3.95
N LEU A 132 37.15 -24.01 -4.20
CA LEU A 132 37.65 -24.06 -5.59
C LEU A 132 37.75 -25.46 -6.16
N VAL A 133 38.03 -26.45 -5.31
CA VAL A 133 38.26 -27.81 -5.80
C VAL A 133 36.94 -28.56 -6.02
N LYS A 134 36.82 -29.22 -7.16
CA LYS A 134 35.61 -29.93 -7.57
C LYS A 134 36.00 -31.23 -8.22
N GLU A 135 35.97 -32.33 -7.47
CA GLU A 135 36.32 -33.60 -8.09
C GLU A 135 37.81 -33.83 -8.11
N SER A 136 38.57 -32.87 -7.62
CA SER A 136 40.02 -32.87 -7.74
C SER A 136 40.43 -31.82 -8.75
N ASN A 137 39.49 -31.43 -9.59
CA ASN A 137 39.76 -30.37 -10.55
C ASN A 137 39.74 -29.05 -9.85
N ILE A 138 40.63 -28.16 -10.28
CA ILE A 138 40.71 -26.79 -9.76
C ILE A 138 40.80 -25.86 -10.96
N PRO A 139 40.56 -24.56 -10.74
CA PRO A 139 40.87 -23.69 -11.85
C PRO A 139 42.24 -23.10 -11.62
N GLU A 140 42.89 -22.66 -12.69
CA GLU A 140 44.08 -21.83 -12.55
C GLU A 140 43.64 -20.38 -12.30
N VAL A 141 44.02 -19.82 -11.16
CA VAL A 141 43.66 -18.45 -10.82
C VAL A 141 44.68 -17.76 -9.97
N ASN A 142 44.65 -16.42 -10.05
CA ASN A 142 45.51 -15.51 -9.28
C ASN A 142 44.59 -14.70 -8.35
N ILE A 143 44.67 -14.98 -7.05
CA ILE A 143 43.80 -14.36 -6.07
C ILE A 143 44.51 -13.59 -4.97
N THR A 144 44.09 -12.35 -4.79
CA THR A 144 44.36 -11.56 -3.58
C THR A 144 43.01 -11.17 -2.99
N ASP A 145 42.85 -11.35 -1.68
CA ASP A 145 41.53 -11.23 -1.07
C ASP A 145 41.64 -10.69 0.36
N TYR A 146 40.59 -9.98 0.80
CA TYR A 146 40.55 -9.37 2.12
C TYR A 146 39.16 -8.77 2.35
N PRO A 147 38.78 -8.61 3.63
CA PRO A 147 37.42 -8.15 3.94
C PRO A 147 37.25 -6.64 3.76
N THR A 148 36.05 -6.23 3.36
CA THR A 148 35.70 -4.82 3.40
C THR A 148 35.63 -4.34 4.85
N VAL A 149 34.79 -5.02 5.65
CA VAL A 149 34.49 -4.64 7.04
C VAL A 149 35.21 -5.64 7.93
N SER A 150 35.78 -5.17 9.05
CA SER A 150 36.69 -6.04 9.82
C SER A 150 35.96 -7.02 10.72
N ALA A 151 34.80 -6.63 11.23
CA ALA A 151 33.93 -7.51 12.04
C ALA A 151 32.59 -7.88 11.33
N ARG A 152 32.44 -9.17 10.98
CA ARG A 152 31.33 -9.65 10.14
C ARG A 152 30.71 -10.91 10.73
N GLY A 153 29.42 -10.91 11.07
CA GLY A 153 28.83 -12.11 11.70
C GLY A 153 27.37 -12.07 12.11
N ILE A 154 27.04 -12.89 13.11
CA ILE A 154 25.67 -13.04 13.61
C ILE A 154 25.55 -12.61 15.06
N VAL A 155 24.45 -11.93 15.42
CA VAL A 155 24.09 -11.80 16.81
C VAL A 155 22.85 -12.64 17.02
N GLU A 156 22.96 -13.73 17.77
CA GLU A 156 21.77 -14.49 18.13
C GLU A 156 21.11 -13.71 19.20
N GLY A 157 20.34 -12.71 18.81
CA GLY A 157 19.66 -11.81 19.74
C GLY A 157 18.14 -11.78 19.69
N PHE A 158 17.52 -12.85 19.20
CA PHE A 158 16.09 -12.78 18.93
C PHE A 158 15.26 -13.22 20.16
N TYR A 159 13.92 -13.03 20.10
CA TYR A 159 13.07 -13.59 21.16
C TYR A 159 12.62 -14.92 20.61
N GLY A 160 12.32 -15.88 21.47
CA GLY A 160 11.84 -17.18 21.01
C GLY A 160 12.78 -18.28 21.42
N THR A 161 12.45 -19.53 21.10
CA THR A 161 13.30 -20.66 21.42
C THR A 161 14.71 -20.36 20.90
N PRO A 162 15.72 -20.38 21.79
CA PRO A 162 17.12 -20.20 21.36
C PRO A 162 17.65 -21.40 20.59
N TRP A 163 18.60 -21.15 19.69
CA TRP A 163 19.24 -22.22 18.94
C TRP A 163 19.68 -23.32 19.90
N THR A 164 19.52 -24.58 19.49
CA THR A 164 20.06 -25.70 20.29
C THR A 164 21.60 -25.64 20.30
N HIS A 165 22.23 -26.47 21.12
CA HIS A 165 23.69 -26.50 21.18
C HIS A 165 24.30 -27.01 19.87
N GLN A 166 23.64 -27.97 19.20
CA GLN A 166 24.14 -28.44 17.89
C GLN A 166 23.95 -27.40 16.79
N ASP A 167 22.79 -26.75 16.80
CA ASP A 167 22.54 -25.63 15.92
C ASP A 167 23.75 -24.72 15.98
N ARG A 168 24.14 -24.35 17.19
CA ARG A 168 25.23 -23.38 17.32
C ARG A 168 26.58 -23.86 16.79
N LEU A 169 26.96 -25.11 17.07
CA LEU A 169 28.22 -25.64 16.58
C LEU A 169 28.20 -25.62 15.04
N ASP A 170 27.05 -25.97 14.47
CA ASP A 170 26.91 -26.06 13.03
C ASP A 170 26.97 -24.65 12.38
N GLN A 171 26.36 -23.68 13.02
CA GLN A 171 26.45 -22.31 12.53
C GLN A 171 27.91 -21.83 12.59
N ILE A 172 28.55 -22.09 13.72
CA ILE A 172 29.93 -21.67 13.94
C ILE A 172 30.89 -22.24 12.90
N LYS A 173 30.66 -23.47 12.47
CA LYS A 173 31.42 -24.08 11.36
C LYS A 173 31.09 -23.39 10.05
N PHE A 174 29.79 -23.25 9.80
CA PHE A 174 29.31 -22.55 8.63
C PHE A 174 29.91 -21.14 8.53
N TYR A 175 30.13 -20.47 9.66
CA TYR A 175 30.67 -19.13 9.66
C TYR A 175 32.12 -19.13 9.16
N GLY A 176 32.91 -20.06 9.68
CA GLY A 176 34.29 -20.20 9.21
C GLY A 176 34.33 -20.34 7.70
N GLU A 177 33.47 -21.21 7.16
CA GLU A 177 33.56 -21.54 5.74
C GLU A 177 33.16 -20.41 4.80
N ASN A 178 32.42 -19.41 5.31
CA ASN A 178 32.02 -18.26 4.51
C ASN A 178 32.69 -16.98 5.02
N LYS A 179 33.75 -17.17 5.77
CA LYS A 179 34.60 -16.07 6.17
C LYS A 179 33.87 -15.06 7.04
N LEU A 180 32.84 -15.51 7.76
CA LEU A 180 32.27 -14.63 8.80
C LEU A 180 33.04 -14.85 10.09
N ASN A 181 33.36 -13.79 10.83
CA ASN A 181 34.29 -13.96 11.94
C ASN A 181 33.75 -13.59 13.31
N THR A 182 32.46 -13.32 13.38
CA THR A 182 31.85 -12.80 14.59
C THR A 182 30.52 -13.49 14.93
N TYR A 183 30.42 -14.01 16.15
CA TYR A 183 29.18 -14.58 16.63
C TYR A 183 28.84 -14.05 18.01
N ILE A 184 27.78 -13.26 18.10
CA ILE A 184 27.44 -12.66 19.37
C ILE A 184 26.38 -13.49 20.06
N TYR A 185 26.69 -13.87 21.28
CA TYR A 185 25.82 -14.74 22.04
C TYR A 185 24.91 -13.93 22.96
N ALA A 186 23.63 -13.86 22.62
CA ALA A 186 22.74 -12.97 23.34
C ALA A 186 21.26 -13.29 23.15
N PRO A 187 20.90 -14.59 23.21
CA PRO A 187 19.48 -14.98 23.07
C PRO A 187 18.60 -14.32 24.13
N LYS A 188 17.61 -13.51 23.72
CA LYS A 188 16.74 -12.83 24.69
C LYS A 188 16.15 -13.75 25.74
N ASP A 189 15.84 -14.99 25.34
CA ASP A 189 15.15 -15.92 26.24
C ASP A 189 16.05 -17.00 26.87
N ASP A 190 17.36 -16.80 26.83
CA ASP A 190 18.26 -17.52 27.73
C ASP A 190 18.10 -16.83 29.07
N PRO A 191 17.49 -17.51 30.07
CA PRO A 191 17.25 -16.85 31.36
C PRO A 191 18.51 -16.19 31.88
N TYR A 192 19.65 -16.87 31.76
CA TYR A 192 20.93 -16.38 32.27
C TYR A 192 21.53 -15.23 31.49
N HIS A 193 20.98 -14.94 30.32
CA HIS A 193 21.48 -13.81 29.55
C HIS A 193 20.86 -12.49 30.02
N ARG A 194 19.74 -12.58 30.71
CA ARG A 194 18.88 -11.41 30.82
C ARG A 194 17.87 -11.43 31.98
N GLU A 195 16.91 -12.34 31.91
CA GLU A 195 15.90 -12.46 32.95
C GLU A 195 16.52 -12.79 34.30
N LYS A 196 17.62 -13.54 34.28
CA LYS A 196 18.32 -13.95 35.48
C LYS A 196 19.80 -13.65 35.33
N TRP A 197 20.11 -12.46 34.80
CA TRP A 197 21.45 -12.12 34.37
C TRP A 197 22.48 -12.18 35.49
N ARG A 198 22.02 -12.06 36.73
CA ARG A 198 23.00 -12.07 37.83
C ARG A 198 23.56 -13.47 38.01
N GLU A 199 22.83 -14.47 37.52
CA GLU A 199 23.09 -15.84 37.94
C GLU A 199 24.03 -16.63 37.07
N PRO A 200 24.92 -17.39 37.72
CA PRO A 200 25.87 -18.28 37.07
C PRO A 200 25.15 -19.39 36.30
N TYR A 201 25.61 -19.63 35.09
CA TYR A 201 25.17 -20.78 34.33
C TYR A 201 25.44 -22.04 35.19
N PRO A 202 24.42 -22.92 35.33
CA PRO A 202 24.68 -24.20 36.00
C PRO A 202 25.81 -24.94 35.28
N GLU A 203 26.26 -26.03 35.91
CA GLU A 203 27.35 -26.87 35.40
C GLU A 203 27.22 -27.30 33.93
N SER A 204 26.06 -27.79 33.52
CA SER A 204 25.96 -28.39 32.19
C SER A 204 25.83 -27.37 31.03
N GLU A 205 25.28 -26.18 31.30
CA GLU A 205 25.28 -25.14 30.27
C GLU A 205 26.71 -24.69 30.14
N MET A 206 27.35 -24.54 31.29
CA MET A 206 28.77 -24.19 31.33
C MET A 206 29.61 -25.17 30.48
N GLN A 207 29.40 -26.48 30.63
CA GLN A 207 30.10 -27.50 29.81
C GLN A 207 29.83 -27.21 28.33
N ARG A 208 28.56 -27.01 27.99
CA ARG A 208 28.15 -26.72 26.62
C ARG A 208 28.72 -25.38 26.15
N MET A 209 28.76 -24.38 27.03
CA MET A 209 29.35 -23.09 26.66
C MET A 209 30.82 -23.21 26.26
N GLN A 210 31.57 -24.05 26.97
CA GLN A 210 32.98 -24.26 26.65
C GLN A 210 33.25 -24.78 25.23
N GLU A 211 32.44 -25.73 24.77
CA GLU A 211 32.55 -26.20 23.39
C GLU A 211 32.26 -25.11 22.36
N LEU A 212 31.26 -24.25 22.61
CA LEU A 212 30.98 -23.13 21.70
C LEU A 212 32.26 -22.31 21.51
N ILE A 213 32.86 -21.98 22.64
CA ILE A 213 34.04 -21.17 22.66
C ILE A 213 35.15 -21.84 21.88
N ASN A 214 35.42 -23.11 22.22
CA ASN A 214 36.46 -23.87 21.57
C ASN A 214 36.25 -23.94 20.08
N ALA A 215 35.03 -24.34 19.70
CA ALA A 215 34.66 -24.46 18.30
C ALA A 215 34.84 -23.15 17.56
N SER A 216 34.56 -22.04 18.23
CA SER A 216 34.67 -20.70 17.64
C SER A 216 36.11 -20.31 17.30
N ALA A 217 37.02 -20.52 18.25
CA ALA A 217 38.42 -20.25 18.02
C ALA A 217 38.95 -21.10 16.87
N GLU A 218 38.49 -22.35 16.76
CA GLU A 218 38.98 -23.23 15.69
C GLU A 218 38.54 -22.75 14.32
N ASN A 219 37.44 -22.01 14.28
CA ASN A 219 36.97 -21.45 13.02
C ASN A 219 37.21 -19.94 12.91
N LYS A 220 38.12 -19.43 13.76
CA LYS A 220 38.56 -18.04 13.69
C LYS A 220 37.38 -17.07 13.84
N VAL A 221 36.42 -17.50 14.66
CA VAL A 221 35.24 -16.73 15.00
C VAL A 221 35.45 -16.15 16.38
N ASP A 222 35.27 -14.84 16.48
CA ASP A 222 35.22 -14.20 17.77
C ASP A 222 33.91 -14.51 18.43
N PHE A 223 33.96 -15.26 19.52
CA PHE A 223 32.79 -15.55 20.29
C PHE A 223 32.63 -14.38 21.23
N VAL A 224 31.50 -13.69 21.12
CA VAL A 224 31.22 -12.53 21.96
C VAL A 224 30.15 -12.87 23.01
N PHE A 225 30.45 -12.63 24.28
CA PHE A 225 29.50 -12.97 25.30
C PHE A 225 28.69 -11.75 25.68
N GLY A 226 27.39 -11.77 25.37
CA GLY A 226 26.56 -10.63 25.72
C GLY A 226 25.79 -10.79 27.02
N ILE A 227 25.60 -9.68 27.73
CA ILE A 227 24.68 -9.68 28.85
C ILE A 227 23.79 -8.43 28.85
N SER A 228 22.56 -8.58 29.35
CA SER A 228 21.50 -7.56 29.25
C SER A 228 20.88 -7.30 30.62
N PRO A 229 21.50 -6.44 31.42
CA PRO A 229 21.06 -6.31 32.83
C PRO A 229 19.98 -5.26 33.07
N GLY A 230 19.53 -4.65 31.98
CA GLY A 230 18.82 -3.38 32.02
C GLY A 230 17.42 -3.35 32.64
N ILE A 231 16.77 -4.51 32.72
CA ILE A 231 15.42 -4.50 33.25
C ILE A 231 15.42 -4.16 34.74
N ASP A 232 16.42 -4.65 35.48
CA ASP A 232 16.36 -4.52 36.94
C ASP A 232 17.67 -4.08 37.60
N ILE A 233 18.71 -3.88 36.81
CA ILE A 233 19.97 -3.48 37.41
C ILE A 233 19.83 -2.23 38.31
N ARG A 234 20.55 -2.25 39.43
CA ARG A 234 20.61 -1.11 40.34
C ARG A 234 21.91 -0.36 40.11
N PHE A 235 21.83 0.97 40.12
CA PHE A 235 23.01 1.80 39.84
C PHE A 235 23.65 2.46 41.08
N ASP A 236 22.83 2.82 42.06
CA ASP A 236 23.27 3.68 43.16
C ASP A 236 23.68 2.94 44.45
N GLY A 237 24.61 3.53 45.21
CA GLY A 237 25.09 2.97 46.48
C GLY A 237 25.66 1.54 46.51
N ASP A 238 25.42 0.84 47.62
CA ASP A 238 25.81 -0.57 47.77
C ASP A 238 25.05 -1.46 46.79
N ALA A 239 23.84 -1.04 46.43
CA ALA A 239 23.03 -1.79 45.49
C ALA A 239 23.73 -1.86 44.12
N GLY A 240 24.22 -0.71 43.68
CA GLY A 240 24.99 -0.64 42.44
C GLY A 240 26.30 -1.40 42.49
N GLU A 241 26.94 -1.47 43.67
CA GLU A 241 28.19 -2.22 43.80
C GLU A 241 27.93 -3.70 43.65
N GLU A 242 26.90 -4.15 44.37
CA GLU A 242 26.56 -5.55 44.36
C GLU A 242 26.25 -5.97 42.93
N ASP A 243 25.61 -5.07 42.20
CA ASP A 243 25.16 -5.41 40.86
C ASP A 243 26.26 -5.31 39.83
N PHE A 244 27.04 -4.24 39.88
CA PHE A 244 28.17 -4.14 38.98
C PHE A 244 29.08 -5.35 39.20
N ASN A 245 29.21 -5.80 40.44
CA ASN A 245 30.03 -6.98 40.73
C ASN A 245 29.47 -8.25 40.13
N HIS A 246 28.15 -8.36 40.07
CA HIS A 246 27.55 -9.50 39.42
C HIS A 246 28.01 -9.53 37.95
N LEU A 247 28.10 -8.36 37.34
CA LEU A 247 28.54 -8.27 35.95
C LEU A 247 29.95 -8.82 35.81
N ILE A 248 30.81 -8.44 36.76
CA ILE A 248 32.17 -8.89 36.76
C ILE A 248 32.20 -10.39 36.96
N THR A 249 31.69 -10.85 38.10
CA THR A 249 31.58 -12.27 38.34
C THR A 249 31.26 -12.96 37.00
N LYS A 250 30.14 -12.56 36.40
CA LYS A 250 29.68 -13.10 35.10
C LYS A 250 30.75 -13.07 33.98
N ALA A 251 31.31 -11.89 33.70
CA ALA A 251 32.31 -11.82 32.65
C ALA A 251 33.55 -12.67 32.98
N GLU A 252 33.99 -12.62 34.24
CA GLU A 252 35.15 -13.39 34.70
C GLU A 252 35.01 -14.87 34.40
N SER A 253 33.86 -15.45 34.77
CA SER A 253 33.64 -16.88 34.53
C SER A 253 33.76 -17.20 33.04
N LEU A 254 33.25 -16.30 32.20
CA LEU A 254 33.37 -16.51 30.75
C LEU A 254 34.74 -16.13 30.20
N TYR A 255 35.47 -15.33 30.96
CA TYR A 255 36.87 -15.07 30.65
C TYR A 255 37.70 -16.31 30.98
N ASP A 256 37.40 -16.92 32.12
CA ASP A 256 38.12 -18.09 32.63
C ASP A 256 37.75 -19.33 31.84
N MET A 257 36.97 -19.14 30.78
CA MET A 257 36.68 -20.23 29.86
C MET A 257 37.26 -19.95 28.48
N GLY A 258 37.86 -18.78 28.31
CA GLY A 258 38.51 -18.43 27.04
C GLY A 258 37.89 -17.31 26.22
N VAL A 259 36.85 -16.66 26.75
CA VAL A 259 36.14 -15.59 26.01
C VAL A 259 36.88 -14.26 26.10
N ARG A 260 37.17 -13.67 24.94
CA ARG A 260 37.88 -12.39 24.87
C ARG A 260 37.09 -11.27 24.19
N SER A 261 35.76 -11.40 24.12
CA SER A 261 34.86 -10.32 23.70
C SER A 261 33.56 -10.33 24.49
N PHE A 262 33.02 -9.14 24.73
CA PHE A 262 31.83 -9.01 25.55
C PHE A 262 30.94 -7.88 25.08
N ALA A 263 29.65 -8.04 25.30
CA ALA A 263 28.67 -7.01 24.95
C ALA A 263 27.76 -6.83 26.12
N ILE A 264 27.27 -5.61 26.27
CA ILE A 264 26.34 -5.28 27.34
C ILE A 264 25.26 -4.44 26.74
N TYR A 265 24.03 -4.92 26.87
CA TYR A 265 22.95 -4.47 26.04
C TYR A 265 21.93 -3.77 26.90
N TRP A 266 21.38 -2.65 26.39
CA TRP A 266 20.38 -1.84 27.08
C TRP A 266 19.09 -1.65 26.27
N ASP A 267 18.90 -2.48 25.26
CA ASP A 267 17.74 -2.38 24.40
C ASP A 267 16.48 -2.94 25.06
N ASP A 268 15.32 -2.48 24.56
CA ASP A 268 13.99 -2.94 24.98
C ASP A 268 13.70 -2.85 26.48
N ILE A 269 14.21 -1.83 27.18
CA ILE A 269 13.89 -1.61 28.61
C ILE A 269 13.17 -0.26 28.85
N GLN A 270 12.50 -0.10 29.98
CA GLN A 270 11.85 1.16 30.31
C GLN A 270 12.81 2.22 30.90
N ASP A 271 13.84 1.78 31.61
CA ASP A 271 14.73 2.76 32.26
C ASP A 271 15.63 3.47 31.25
N LYS A 272 15.48 4.79 31.15
CA LYS A 272 16.29 5.54 30.23
C LYS A 272 17.28 6.44 30.99
N SER A 273 18.19 5.80 31.73
CA SER A 273 19.21 6.53 32.49
C SER A 273 20.50 6.52 31.67
N ALA A 274 20.56 7.40 30.68
CA ALA A 274 21.65 7.41 29.73
C ALA A 274 23.01 7.43 30.44
N ALA A 275 23.14 8.34 31.42
CA ALA A 275 24.41 8.58 32.11
C ALA A 275 24.82 7.34 32.88
N LYS A 276 23.86 6.66 33.46
CA LYS A 276 24.14 5.53 34.32
C LYS A 276 24.53 4.30 33.51
N HIS A 277 23.87 4.12 32.37
CA HIS A 277 24.20 3.05 31.47
C HIS A 277 25.65 3.22 31.03
N ALA A 278 25.96 4.41 30.53
CA ALA A 278 27.30 4.68 30.02
C ALA A 278 28.36 4.50 31.12
N GLN A 279 28.04 4.91 32.35
CA GLN A 279 28.97 4.75 33.44
C GLN A 279 29.25 3.28 33.79
N VAL A 280 28.24 2.42 33.67
CA VAL A 280 28.41 1.01 33.88
C VAL A 280 29.38 0.47 32.83
N LEU A 281 29.15 0.87 31.58
CA LEU A 281 30.02 0.52 30.46
C LEU A 281 31.44 1.06 30.66
N ASN A 282 31.55 2.31 31.12
CA ASN A 282 32.88 2.91 31.28
C ASN A 282 33.68 2.18 32.36
N ARG A 283 33.06 1.97 33.52
CA ARG A 283 33.57 1.09 34.57
C ARG A 283 34.06 -0.28 34.08
N PHE A 284 33.23 -0.96 33.29
CA PHE A 284 33.61 -2.26 32.77
C PHE A 284 34.80 -2.17 31.80
N ASN A 285 34.85 -1.09 31.04
CA ASN A 285 35.96 -0.88 30.12
C ASN A 285 37.27 -0.80 30.88
N GLU A 286 37.22 -0.05 31.98
CA GLU A 286 38.38 0.16 32.81
C GLU A 286 38.68 -1.10 33.62
N GLU A 287 37.74 -1.49 34.48
CA GLU A 287 37.98 -2.55 35.45
C GLU A 287 38.12 -3.97 34.88
N PHE A 288 37.55 -4.22 33.70
CA PHE A 288 37.63 -5.53 33.09
C PHE A 288 38.42 -5.50 31.79
N VAL A 289 37.84 -4.91 30.76
CA VAL A 289 38.48 -4.89 29.46
C VAL A 289 39.97 -4.52 29.50
N LYS A 290 40.27 -3.35 30.04
CA LYS A 290 41.64 -2.83 30.03
C LYS A 290 42.53 -3.55 31.03
N ALA A 291 42.01 -3.82 32.22
CA ALA A 291 42.75 -4.58 33.22
C ALA A 291 43.16 -5.99 32.74
N LYS A 292 42.57 -6.43 31.63
CA LYS A 292 42.86 -7.76 31.07
C LYS A 292 43.82 -7.73 29.88
N GLY A 293 43.84 -6.65 29.12
CA GLY A 293 44.82 -6.46 28.05
C GLY A 293 44.63 -7.22 26.74
N ASP A 294 43.94 -8.35 26.78
CA ASP A 294 43.68 -9.16 25.59
C ASP A 294 42.16 -9.39 25.36
N VAL A 295 41.39 -8.37 25.75
CA VAL A 295 39.97 -8.35 25.49
C VAL A 295 39.67 -7.28 24.44
N LYS A 296 38.92 -7.70 23.43
CA LYS A 296 38.54 -6.84 22.33
C LYS A 296 37.65 -5.68 22.84
N PRO A 297 37.47 -4.66 22.01
CA PRO A 297 36.63 -3.54 22.47
C PRO A 297 35.23 -3.99 22.97
N LEU A 298 34.78 -3.41 24.08
CA LEU A 298 33.41 -3.62 24.56
C LEU A 298 32.39 -3.17 23.52
N ILE A 299 31.34 -3.98 23.37
CA ILE A 299 30.24 -3.67 22.47
C ILE A 299 28.96 -3.39 23.29
N THR A 300 28.17 -2.42 22.85
CA THR A 300 26.89 -2.11 23.48
C THR A 300 25.79 -1.73 22.46
N VAL A 301 24.51 -1.84 22.89
CA VAL A 301 23.37 -1.18 22.24
C VAL A 301 22.75 -0.25 23.27
N PRO A 302 22.47 0.99 22.87
CA PRO A 302 21.87 1.92 23.81
C PRO A 302 20.37 1.72 23.76
N THR A 303 19.66 2.18 24.77
CA THR A 303 18.22 1.96 24.81
C THR A 303 17.55 2.65 23.61
N GLU A 304 18.17 3.69 23.10
CA GLU A 304 17.79 4.24 21.82
C GLU A 304 18.76 3.65 20.81
N TYR A 305 18.30 2.78 19.92
CA TYR A 305 19.25 2.12 19.03
C TYR A 305 18.87 2.23 17.55
N ASP A 306 17.76 2.91 17.24
CA ASP A 306 17.42 3.23 15.86
C ASP A 306 17.24 4.72 15.71
N THR A 307 17.67 5.23 14.55
CA THR A 307 17.58 6.63 14.24
C THR A 307 16.26 7.32 14.65
N GLY A 308 15.11 6.67 14.44
CA GLY A 308 13.85 7.29 14.92
C GLY A 308 13.84 7.52 16.43
N ALA A 309 14.41 6.57 17.18
CA ALA A 309 14.46 6.67 18.64
C ALA A 309 15.62 7.56 19.17
N MET A 310 16.64 7.77 18.34
CA MET A 310 17.89 8.48 18.72
C MET A 310 17.92 9.96 18.32
N VAL A 311 17.11 10.32 17.34
CA VAL A 311 17.32 11.59 16.68
C VAL A 311 16.03 12.36 16.51
N SER A 312 16.12 13.70 16.61
CA SER A 312 15.01 14.56 16.25
C SER A 312 15.53 15.80 15.54
N ASN A 313 15.09 16.05 14.31
CA ASN A 313 15.45 17.34 13.72
C ASN A 313 16.98 17.35 13.46
N GLY A 314 17.55 16.20 13.14
CA GLY A 314 18.98 16.10 12.79
C GLY A 314 19.92 16.10 13.99
N GLN A 315 19.35 16.18 15.19
CA GLN A 315 20.14 16.25 16.42
C GLN A 315 19.77 15.10 17.33
N PRO A 316 20.71 14.69 18.19
CA PRO A 316 20.41 13.60 19.12
C PRO A 316 19.31 13.97 20.08
N ARG A 317 18.56 12.98 20.54
CA ARG A 317 17.60 13.15 21.63
C ARG A 317 18.30 13.16 22.99
N ALA A 318 17.53 13.38 24.05
CA ALA A 318 18.15 13.64 25.36
C ALA A 318 19.02 12.47 25.81
N TYR A 319 18.47 11.25 25.71
CA TYR A 319 19.20 10.05 26.09
C TYR A 319 20.42 9.84 25.22
N THR A 320 20.25 9.92 23.89
CA THR A 320 21.36 9.67 22.97
C THR A 320 22.49 10.67 23.14
N ARG A 321 22.12 11.94 23.30
CA ARG A 321 23.10 13.00 23.54
C ARG A 321 24.04 12.69 24.71
N ILE A 322 23.45 12.30 25.84
CA ILE A 322 24.17 12.02 27.07
C ILE A 322 24.90 10.71 26.93
N PHE A 323 24.30 9.75 26.22
CA PHE A 323 24.97 8.47 26.01
C PHE A 323 26.23 8.73 25.21
N ALA A 324 26.04 9.39 24.06
CA ALA A 324 27.15 9.76 23.16
C ALA A 324 28.31 10.42 23.90
N GLU A 325 28.01 11.34 24.83
CA GLU A 325 29.11 12.09 25.44
C GLU A 325 29.73 11.43 26.67
N THR A 326 29.01 10.51 27.28
CA THR A 326 29.58 9.82 28.43
C THR A 326 30.40 8.58 28.09
N VAL A 327 30.03 7.89 27.01
CA VAL A 327 30.55 6.55 26.73
C VAL A 327 31.93 6.65 26.04
N ASP A 328 32.89 5.85 26.51
CA ASP A 328 34.29 5.89 26.05
C ASP A 328 34.43 5.64 24.58
N PRO A 329 35.25 6.45 23.88
CA PRO A 329 35.56 6.28 22.46
C PRO A 329 35.90 4.85 21.99
N SER A 330 36.45 4.03 22.89
CA SER A 330 36.95 2.70 22.52
C SER A 330 35.87 1.65 22.52
N ILE A 331 34.65 2.08 22.78
CA ILE A 331 33.50 1.19 22.85
C ILE A 331 32.70 1.19 21.54
N GLU A 332 32.38 -0.01 21.05
CA GLU A 332 31.56 -0.15 19.85
C GLU A 332 30.09 0.02 20.16
N VAL A 333 29.44 0.96 19.51
CA VAL A 333 28.02 1.14 19.73
C VAL A 333 27.27 0.59 18.52
N MET A 334 26.24 -0.21 18.77
CA MET A 334 25.42 -0.79 17.72
C MET A 334 24.13 -0.01 17.54
N TRP A 335 23.72 0.19 16.28
CA TRP A 335 22.42 0.75 15.97
C TRP A 335 21.75 -0.09 14.87
N THR A 336 20.45 0.05 14.66
CA THR A 336 19.77 -0.89 13.77
C THR A 336 19.55 -0.27 12.39
N GLY A 337 19.91 1.00 12.26
CA GLY A 337 19.55 1.82 11.11
C GLY A 337 18.40 2.76 11.44
N PRO A 338 17.68 3.20 10.41
CA PRO A 338 16.65 4.27 10.53
C PRO A 338 15.45 3.82 11.35
N GLY A 339 15.32 2.50 11.55
CA GLY A 339 14.21 1.95 12.31
C GLY A 339 14.63 0.62 12.90
N VAL A 340 13.89 0.09 13.87
CA VAL A 340 14.17 -1.27 14.37
C VAL A 340 14.23 -2.37 13.29
N VAL A 341 13.19 -2.43 12.42
CA VAL A 341 13.15 -3.30 11.22
C VAL A 341 12.72 -2.42 10.03
N THR A 342 13.69 -2.02 9.18
CA THR A 342 13.45 -1.04 8.13
C THR A 342 13.97 -1.54 6.81
N ASN A 343 13.54 -0.88 5.76
CA ASN A 343 13.88 -1.21 4.41
C ASN A 343 15.37 -1.16 4.11
N GLU A 344 16.00 -0.03 4.48
CA GLU A 344 17.35 0.34 4.07
C GLU A 344 18.13 0.94 5.19
N ILE A 345 19.44 1.01 4.99
CA ILE A 345 20.29 1.96 5.69
C ILE A 345 21.01 2.74 4.61
N PRO A 346 20.56 3.97 4.33
CA PRO A 346 21.31 4.75 3.35
C PRO A 346 22.62 5.26 3.97
N LEU A 347 23.62 5.51 3.13
CA LEU A 347 24.83 6.13 3.59
C LEU A 347 24.53 7.29 4.56
N SER A 348 23.65 8.21 4.15
CA SER A 348 23.26 9.39 4.96
C SER A 348 22.80 9.07 6.39
N ASP A 349 22.09 7.96 6.57
CA ASP A 349 21.75 7.51 7.94
C ASP A 349 23.00 7.16 8.73
N ALA A 350 23.93 6.47 8.10
CA ALA A 350 25.12 6.01 8.82
C ALA A 350 26.04 7.19 9.13
N GLN A 351 26.12 8.10 8.17
CA GLN A 351 26.83 9.34 8.39
C GLN A 351 26.27 10.05 9.62
N LEU A 352 24.96 10.09 9.72
CA LEU A 352 24.30 10.84 10.76
C LEU A 352 24.66 10.21 12.10
N ILE A 353 24.40 8.92 12.23
CA ILE A 353 24.63 8.22 13.48
C ILE A 353 26.09 8.22 13.89
N SER A 354 26.97 7.98 12.93
CA SER A 354 28.40 7.98 13.21
C SER A 354 28.89 9.36 13.64
N GLY A 355 28.36 10.42 13.04
CA GLY A 355 28.66 11.78 13.51
C GLY A 355 28.38 11.90 15.01
N ILE A 356 27.15 11.61 15.42
CA ILE A 356 26.70 11.77 16.80
C ILE A 356 27.63 11.08 17.81
N TYR A 357 28.09 9.86 17.48
CA TYR A 357 28.98 9.11 18.36
C TYR A 357 30.45 9.31 18.00
N ASP A 358 30.71 10.10 16.95
CA ASP A 358 32.10 10.39 16.53
C ASP A 358 32.98 9.13 16.38
N ARG A 359 32.44 8.09 15.76
CA ARG A 359 33.15 6.81 15.58
C ARG A 359 32.55 6.07 14.39
N ASN A 360 33.32 5.10 13.88
CA ASN A 360 32.73 4.03 13.10
C ASN A 360 31.80 3.25 14.01
N MET A 361 30.62 2.92 13.46
CA MET A 361 29.50 2.32 14.17
C MET A 361 29.42 0.81 13.92
N ALA A 362 28.69 0.11 14.78
CA ALA A 362 28.41 -1.28 14.53
C ALA A 362 26.94 -1.38 14.14
N VAL A 363 26.62 -2.36 13.27
CA VAL A 363 25.23 -2.62 12.88
C VAL A 363 24.70 -3.92 13.50
N TRP A 364 23.54 -3.80 14.11
CA TRP A 364 22.70 -4.93 14.44
C TRP A 364 21.55 -4.95 13.43
N TRP A 365 21.60 -5.83 12.45
CA TRP A 365 20.65 -5.75 11.36
C TRP A 365 19.54 -6.75 11.59
N ASN A 366 18.30 -6.28 11.82
CA ASN A 366 17.19 -7.21 12.14
C ASN A 366 16.54 -7.87 10.91
N TYR A 367 17.31 -8.75 10.26
CA TYR A 367 16.85 -9.55 9.12
C TYR A 367 17.99 -10.52 8.96
N PRO A 368 17.71 -11.85 8.97
CA PRO A 368 16.38 -12.41 8.71
C PRO A 368 15.51 -12.77 9.91
N VAL A 369 15.77 -12.23 11.09
CA VAL A 369 14.93 -12.50 12.27
C VAL A 369 13.43 -12.30 12.01
N THR A 370 12.61 -13.23 12.54
CA THR A 370 11.17 -13.25 12.32
C THR A 370 10.42 -13.36 13.62
N ASP A 371 11.07 -13.10 14.74
CA ASP A 371 10.39 -13.21 16.03
C ASP A 371 9.15 -12.33 16.16
N TYR A 372 9.09 -11.23 15.43
CA TYR A 372 7.96 -10.28 15.54
C TYR A 372 6.86 -10.67 14.55
N PHE A 373 7.09 -11.72 13.77
CA PHE A 373 6.06 -12.18 12.84
C PHE A 373 6.44 -13.55 12.37
N LYS A 374 6.17 -14.57 13.19
CA LYS A 374 6.85 -15.89 13.08
C LYS A 374 6.34 -16.82 12.04
N GLY A 375 5.21 -16.44 11.44
CA GLY A 375 4.53 -17.32 10.51
C GLY A 375 5.24 -17.35 9.17
N LYS A 376 6.04 -16.32 8.93
CA LYS A 376 6.78 -16.18 7.70
C LYS A 376 8.29 -16.49 7.89
N LEU A 377 8.87 -17.23 6.94
CA LEU A 377 10.31 -17.45 6.93
C LEU A 377 10.96 -16.34 6.09
N ALA A 378 12.02 -15.73 6.60
CA ALA A 378 12.75 -14.70 5.87
C ALA A 378 13.92 -15.31 5.09
N LEU A 379 13.79 -15.46 3.78
CA LEU A 379 14.69 -16.28 2.99
C LEU A 379 15.36 -15.47 1.90
N GLY A 380 15.42 -14.15 2.13
CA GLY A 380 16.00 -13.25 1.13
C GLY A 380 17.43 -12.81 1.47
N PRO A 381 18.07 -12.09 0.55
CA PRO A 381 19.46 -11.63 0.73
C PRO A 381 19.51 -10.35 1.53
N MET A 382 20.69 -9.94 1.98
CA MET A 382 20.86 -8.61 2.51
C MET A 382 20.26 -7.69 1.48
N HIS A 383 19.42 -6.75 1.90
CA HIS A 383 18.79 -5.89 0.89
C HIS A 383 18.58 -4.53 1.53
N GLY A 384 18.93 -3.49 0.79
CA GLY A 384 18.68 -2.13 1.25
C GLY A 384 19.83 -1.49 2.01
N LEU A 385 20.90 -2.25 2.25
CA LEU A 385 22.08 -1.74 2.96
C LEU A 385 23.06 -1.13 1.97
N ASP A 386 23.44 0.11 2.24
CA ASP A 386 24.27 0.89 1.31
C ASP A 386 25.57 0.19 1.02
N LYS A 387 25.99 0.21 -0.24
CA LYS A 387 27.20 -0.51 -0.67
C LYS A 387 28.48 0.29 -0.36
N GLY A 388 28.30 1.46 0.24
CA GLY A 388 29.43 2.26 0.73
C GLY A 388 29.35 2.47 2.24
N LEU A 389 28.59 1.60 2.91
CA LEU A 389 28.43 1.71 4.35
C LEU A 389 29.76 1.63 5.09
N ASN A 390 30.73 0.97 4.48
CA ASN A 390 31.98 0.73 5.20
C ASN A 390 32.67 2.03 5.63
N GLN A 391 32.27 3.12 4.99
CA GLN A 391 32.83 4.42 5.34
C GLN A 391 32.57 4.78 6.81
N TYR A 392 31.46 4.33 7.36
CA TYR A 392 31.03 4.76 8.71
C TYR A 392 30.76 3.58 9.66
N VAL A 393 30.93 2.35 9.15
CA VAL A 393 30.58 1.14 9.86
C VAL A 393 31.74 0.17 9.71
N ASP A 394 32.15 -0.45 10.81
CA ASP A 394 33.30 -1.39 10.80
C ASP A 394 32.99 -2.74 11.46
N PHE A 395 31.69 -2.98 11.69
CA PHE A 395 31.24 -4.08 12.51
C PHE A 395 29.82 -4.33 12.02
N PHE A 396 29.65 -5.44 11.31
CA PHE A 396 28.33 -5.74 10.75
C PHE A 396 27.85 -7.14 11.13
N THR A 397 26.69 -7.20 11.79
CA THR A 397 26.14 -8.49 12.20
C THR A 397 24.67 -8.53 11.86
N VAL A 398 24.16 -9.73 11.56
CA VAL A 398 22.71 -9.86 11.38
C VAL A 398 22.06 -10.67 12.50
N ASN A 399 20.85 -10.32 12.86
CA ASN A 399 20.05 -11.04 13.84
C ASN A 399 19.18 -12.05 13.08
N PRO A 400 19.44 -13.36 13.26
CA PRO A 400 18.85 -14.40 12.42
C PRO A 400 17.50 -14.93 12.95
N MET A 401 16.90 -15.88 12.23
CA MET A 401 15.65 -16.52 12.69
C MET A 401 15.94 -17.58 13.73
N GLU A 402 14.93 -17.90 14.53
CA GLU A 402 15.10 -18.96 15.50
C GLU A 402 15.30 -20.27 14.74
N HIS A 403 15.02 -20.23 13.44
CA HIS A 403 15.19 -21.37 12.53
C HIS A 403 16.61 -21.31 11.99
N ALA A 404 17.53 -22.06 12.61
CA ALA A 404 18.95 -21.95 12.26
C ALA A 404 19.30 -22.29 10.81
N GLU A 405 18.68 -23.33 10.29
CA GLU A 405 19.12 -23.90 9.02
C GLU A 405 18.69 -23.02 7.86
N LEU A 406 17.42 -22.69 7.85
CA LEU A 406 16.91 -21.77 6.83
C LEU A 406 17.51 -20.36 6.93
N SER A 407 17.96 -19.93 8.11
CA SER A 407 18.69 -18.65 8.24
C SER A 407 19.97 -18.58 7.38
N LYS A 408 20.44 -19.72 6.90
CA LYS A 408 21.76 -19.76 6.32
C LYS A 408 21.72 -19.06 5.00
N ILE A 409 20.56 -19.04 4.41
CA ILE A 409 20.51 -18.51 3.05
C ILE A 409 20.82 -17.01 3.16
N SER A 410 20.24 -16.36 4.15
CA SER A 410 20.37 -14.91 4.24
C SER A 410 21.73 -14.55 4.80
N ILE A 411 22.17 -15.36 5.75
CA ILE A 411 23.49 -15.22 6.29
C ILE A 411 24.56 -15.38 5.22
N HIS A 412 24.43 -16.40 4.39
CA HIS A 412 25.34 -16.58 3.23
C HIS A 412 25.57 -15.23 2.49
N THR A 413 24.47 -14.56 2.13
CA THR A 413 24.54 -13.28 1.44
C THR A 413 25.17 -12.19 2.29
N ALA A 414 25.01 -12.27 3.60
CA ALA A 414 25.59 -11.24 4.45
C ALA A 414 27.09 -11.39 4.47
N ALA A 415 27.54 -12.61 4.24
CA ALA A 415 28.97 -12.89 4.27
C ALA A 415 29.65 -12.25 3.08
N ASP A 416 28.92 -12.15 1.98
CA ASP A 416 29.45 -11.63 0.74
C ASP A 416 29.30 -10.13 0.75
N TYR A 417 28.23 -9.66 1.40
CA TYR A 417 28.03 -8.23 1.50
C TYR A 417 29.13 -7.61 2.37
N SER A 418 29.41 -8.24 3.49
CA SER A 418 30.29 -7.65 4.48
C SER A 418 31.75 -7.85 4.11
N TRP A 419 32.04 -8.87 3.30
CA TRP A 419 33.45 -9.20 2.95
C TRP A 419 33.87 -8.43 1.70
N ASN A 420 32.99 -8.44 0.70
CA ASN A 420 33.23 -7.75 -0.57
C ASN A 420 32.05 -6.80 -0.80
N MET A 421 31.98 -5.75 0.00
CA MET A 421 30.85 -4.84 -0.04
C MET A 421 30.65 -4.16 -1.38
N ASP A 422 31.75 -3.74 -1.99
CA ASP A 422 31.67 -2.94 -3.17
C ASP A 422 31.03 -3.67 -4.35
N ASN A 423 31.36 -4.95 -4.51
CA ASN A 423 30.82 -5.67 -5.66
C ASN A 423 29.53 -6.45 -5.33
N TYR A 424 29.03 -6.31 -4.12
CA TYR A 424 27.80 -6.99 -3.69
C TYR A 424 26.59 -6.75 -4.59
N ASP A 425 26.08 -7.83 -5.17
CA ASP A 425 24.86 -7.81 -5.96
C ASP A 425 23.85 -8.73 -5.26
N TYR A 426 22.73 -8.18 -4.83
CA TYR A 426 21.82 -8.98 -4.00
C TYR A 426 21.15 -10.17 -4.72
N ASP A 427 20.84 -10.03 -6.01
CA ASP A 427 20.15 -11.08 -6.75
C ASP A 427 21.12 -12.21 -7.03
N LYS A 428 22.32 -11.86 -7.48
CA LYS A 428 23.38 -12.86 -7.69
C LYS A 428 23.81 -13.50 -6.37
N ALA A 429 23.99 -12.71 -5.32
CA ALA A 429 24.31 -13.30 -4.02
C ALA A 429 23.24 -14.31 -3.61
N TRP A 430 21.96 -13.96 -3.82
CA TRP A 430 20.87 -14.82 -3.36
C TRP A 430 20.89 -16.17 -4.07
N ASN A 431 21.08 -16.12 -5.39
CA ASN A 431 21.11 -17.29 -6.25
C ASN A 431 22.30 -18.17 -5.92
N ARG A 432 23.47 -17.54 -5.79
CA ARG A 432 24.67 -18.26 -5.37
C ARG A 432 24.36 -19.02 -4.07
N ALA A 433 23.70 -18.36 -3.12
CA ALA A 433 23.49 -18.91 -1.76
C ALA A 433 22.67 -20.19 -1.78
N ILE A 434 21.54 -20.11 -2.46
CA ILE A 434 20.72 -21.30 -2.67
C ILE A 434 21.44 -22.37 -3.54
N ASP A 435 22.22 -21.96 -4.54
CA ASP A 435 22.95 -22.93 -5.35
C ASP A 435 23.98 -23.63 -4.49
N MET A 436 24.73 -22.85 -3.74
CA MET A 436 25.75 -23.41 -2.89
C MET A 436 25.17 -24.27 -1.77
N LEU A 437 24.01 -23.91 -1.24
CA LEU A 437 23.44 -24.63 -0.09
C LEU A 437 22.53 -25.83 -0.39
N TYR A 438 21.92 -25.87 -1.57
CA TYR A 438 20.86 -26.82 -1.83
C TYR A 438 21.16 -27.82 -2.96
N GLY A 439 22.15 -27.51 -3.80
CA GLY A 439 22.68 -28.51 -4.75
C GLY A 439 21.69 -28.90 -5.82
N ASP A 440 21.36 -30.20 -5.92
CA ASP A 440 20.35 -30.68 -6.88
C ASP A 440 18.97 -30.04 -6.68
N LEU A 441 18.66 -29.59 -5.46
CA LEU A 441 17.34 -29.02 -5.17
C LEU A 441 17.31 -27.50 -5.35
N ALA A 442 18.41 -26.92 -5.78
CA ALA A 442 18.56 -25.46 -5.78
C ALA A 442 17.44 -24.75 -6.57
N GLU A 443 17.09 -25.28 -7.74
CA GLU A 443 16.14 -24.62 -8.62
C GLU A 443 14.75 -24.60 -8.01
N ASP A 444 14.31 -25.75 -7.51
CA ASP A 444 13.06 -25.83 -6.78
C ASP A 444 13.06 -24.98 -5.51
N MET A 445 14.20 -24.93 -4.81
CA MET A 445 14.30 -24.12 -3.60
C MET A 445 14.19 -22.62 -3.91
N LYS A 446 14.76 -22.19 -5.04
CA LYS A 446 14.64 -20.81 -5.49
C LYS A 446 13.18 -20.45 -5.73
N VAL A 447 12.44 -21.30 -6.45
CA VAL A 447 11.03 -21.06 -6.70
C VAL A 447 10.28 -20.74 -5.41
N PHE A 448 10.41 -21.61 -4.42
CA PHE A 448 9.77 -21.44 -3.11
C PHE A 448 10.25 -20.17 -2.37
N ALA A 449 11.56 -20.07 -2.19
CA ALA A 449 12.14 -19.02 -1.37
C ALA A 449 11.95 -17.62 -1.95
N ASN A 450 11.83 -17.56 -3.27
CA ASN A 450 11.64 -16.33 -4.03
C ASN A 450 10.33 -15.65 -3.61
N HIS A 451 9.41 -16.44 -3.04
CA HIS A 451 8.11 -15.99 -2.51
C HIS A 451 8.15 -15.66 -1.01
N SER A 452 9.34 -15.80 -0.39
CA SER A 452 9.45 -15.61 1.05
C SER A 452 10.65 -14.76 1.44
N THR A 453 10.73 -13.56 0.87
CA THR A 453 11.84 -12.68 1.12
C THR A 453 11.43 -11.40 1.87
N ARG A 454 10.20 -10.95 1.67
CA ARG A 454 9.75 -9.65 2.20
C ARG A 454 9.19 -9.86 3.59
N MET A 455 9.67 -9.15 4.60
CA MET A 455 9.03 -9.24 5.95
C MET A 455 8.20 -8.00 6.22
N ASP A 456 7.02 -8.17 6.80
CA ASP A 456 6.18 -7.04 7.00
C ASP A 456 5.06 -7.46 7.96
N ASN A 457 5.07 -6.94 9.19
CA ASN A 457 4.05 -7.32 10.17
C ASN A 457 2.85 -6.40 10.02
N LYS A 458 2.86 -5.60 8.94
CA LYS A 458 1.71 -4.76 8.59
C LYS A 458 1.63 -3.44 9.37
N THR A 459 2.57 -3.23 10.32
CA THR A 459 2.61 -2.01 11.12
C THR A 459 4.04 -1.45 11.10
N TRP A 460 4.76 -1.59 12.19
CA TRP A 460 6.07 -0.92 12.38
C TRP A 460 7.30 -1.65 11.80
N ALA A 461 7.12 -2.92 11.42
CA ALA A 461 8.22 -3.81 11.06
C ALA A 461 8.18 -4.26 9.60
N LYS A 462 9.20 -3.86 8.85
CA LYS A 462 9.28 -4.26 7.45
C LYS A 462 10.70 -4.19 6.93
N SER A 463 11.05 -5.16 6.10
CA SER A 463 12.37 -5.22 5.54
C SER A 463 12.48 -6.36 4.54
N GLY A 464 13.32 -6.18 3.53
CA GLY A 464 13.67 -7.30 2.67
C GLY A 464 13.26 -7.02 1.25
N ARG A 465 13.79 -7.84 0.34
CA ARG A 465 13.43 -7.76 -1.10
C ARG A 465 11.92 -8.05 -1.28
N GLU A 466 11.22 -7.37 -2.17
CA GLU A 466 9.84 -7.78 -2.44
C GLU A 466 9.75 -9.31 -2.80
N ASP A 467 8.66 -9.98 -2.40
CA ASP A 467 8.49 -11.35 -2.83
C ASP A 467 8.36 -11.41 -4.35
N ALA A 468 8.74 -12.56 -4.92
CA ALA A 468 8.59 -12.84 -6.39
C ALA A 468 8.30 -11.66 -7.32
N PRO A 469 9.28 -10.78 -7.50
CA PRO A 469 8.96 -9.50 -8.16
C PRO A 469 8.52 -9.65 -9.62
N GLU A 470 9.08 -10.64 -10.32
CA GLU A 470 8.79 -10.79 -11.76
C GLU A 470 7.40 -11.35 -11.94
N LEU A 471 7.00 -12.25 -11.06
CA LEU A 471 5.64 -12.74 -11.12
C LEU A 471 4.67 -11.57 -10.84
N ARG A 472 4.99 -10.75 -9.84
CA ARG A 472 4.15 -9.64 -9.47
C ARG A 472 3.97 -8.67 -10.65
N ALA A 473 5.02 -8.42 -11.41
CA ALA A 473 4.87 -7.55 -12.62
C ALA A 473 4.02 -8.22 -13.71
N LYS A 474 4.17 -9.54 -13.84
CA LYS A 474 3.33 -10.28 -14.76
C LYS A 474 1.85 -10.22 -14.36
N MET A 475 1.56 -10.48 -13.09
CA MET A 475 0.20 -10.23 -12.59
C MET A 475 -0.31 -8.81 -12.89
N ASP A 476 0.52 -7.79 -12.66
CA ASP A 476 0.15 -6.41 -13.00
C ASP A 476 -0.21 -6.23 -14.46
N GLU A 477 0.62 -6.76 -15.35
CA GLU A 477 0.35 -6.62 -16.78
C GLU A 477 -0.99 -7.30 -17.16
N LEU A 478 -1.30 -8.41 -16.52
CA LEU A 478 -2.52 -9.11 -16.80
C LEU A 478 -3.71 -8.22 -16.49
N TRP A 479 -3.73 -7.64 -15.30
CA TRP A 479 -4.78 -6.73 -14.95
C TRP A 479 -4.86 -5.51 -15.91
N ASN A 480 -3.72 -5.00 -16.40
CA ASN A 480 -3.75 -3.83 -17.31
C ASN A 480 -4.39 -4.18 -18.66
N LYS A 481 -4.10 -5.37 -19.16
CA LYS A 481 -4.70 -5.83 -20.39
C LYS A 481 -6.21 -6.16 -20.26
N LEU A 482 -6.61 -6.74 -19.13
CA LEU A 482 -8.03 -7.01 -18.93
C LEU A 482 -8.89 -5.75 -18.64
N SER A 483 -8.38 -4.79 -17.87
CA SER A 483 -9.15 -3.58 -17.60
C SER A 483 -9.25 -2.75 -18.87
N SER A 484 -8.26 -2.91 -19.75
CA SER A 484 -8.23 -2.25 -21.05
C SER A 484 -9.12 -2.96 -22.05
N LYS A 485 -9.46 -4.21 -21.75
CA LYS A 485 -10.32 -5.00 -22.62
C LYS A 485 -9.57 -5.43 -23.87
N GLU A 486 -8.28 -5.73 -23.67
CA GLU A 486 -7.39 -6.25 -24.70
C GLU A 486 -7.19 -7.75 -24.49
N ASP A 487 -6.76 -8.44 -25.54
CA ASP A 487 -6.58 -9.90 -25.44
C ASP A 487 -5.40 -10.26 -24.56
N ALA A 488 -5.58 -11.20 -23.64
CA ALA A 488 -4.49 -11.52 -22.73
C ALA A 488 -4.26 -13.02 -22.63
N SER A 489 -4.67 -13.75 -23.65
CA SER A 489 -4.62 -15.20 -23.55
C SER A 489 -3.19 -15.76 -23.49
N ALA A 490 -2.24 -15.06 -24.11
CA ALA A 490 -0.85 -15.50 -24.07
C ALA A 490 -0.29 -15.38 -22.66
N LEU A 491 -0.56 -14.26 -21.99
CA LEU A 491 -0.07 -14.05 -20.63
C LEU A 491 -0.76 -15.00 -19.64
N ILE A 492 -2.09 -15.08 -19.73
CA ILE A 492 -2.91 -16.02 -18.98
C ILE A 492 -2.32 -17.41 -19.00
N GLU A 493 -1.89 -17.81 -20.19
CA GLU A 493 -1.29 -19.12 -20.41
C GLU A 493 0.06 -19.23 -19.66
N GLU A 494 0.82 -18.13 -19.67
CA GLU A 494 2.14 -18.10 -19.03
C GLU A 494 2.01 -18.18 -17.51
N LEU A 495 0.99 -17.51 -16.99
CA LEU A 495 0.71 -17.58 -15.55
C LEU A 495 0.21 -18.97 -15.15
N TYR A 496 -0.54 -19.68 -15.99
CA TYR A 496 -0.84 -21.07 -15.66
C TYR A 496 0.43 -21.88 -15.37
N GLY A 497 1.43 -21.73 -16.24
CA GLY A 497 2.71 -22.36 -16.08
C GLY A 497 3.42 -21.91 -14.83
N GLU A 498 3.25 -20.66 -14.43
CA GLU A 498 3.94 -20.23 -13.23
C GLU A 498 3.32 -20.87 -12.01
N PHE A 499 2.01 -20.78 -11.92
CA PHE A 499 1.30 -21.33 -10.78
C PHE A 499 1.54 -22.86 -10.69
N ALA A 500 1.50 -23.55 -11.84
CA ALA A 500 1.74 -25.01 -11.87
C ALA A 500 3.16 -25.30 -11.39
N ARG A 501 4.11 -24.45 -11.77
CA ARG A 501 5.49 -24.64 -11.39
C ARG A 501 5.75 -24.32 -9.90
N MET A 502 4.97 -23.44 -9.30
CA MET A 502 5.03 -23.24 -7.86
C MET A 502 4.63 -24.50 -7.11
N GLU A 503 3.53 -25.13 -7.53
CA GLU A 503 3.06 -26.33 -6.87
C GLU A 503 4.06 -27.48 -7.12
N GLU A 504 4.55 -27.62 -8.35
CA GLU A 504 5.49 -28.66 -8.64
C GLU A 504 6.75 -28.57 -7.78
N ALA A 505 7.35 -27.40 -7.72
CA ALA A 505 8.55 -27.20 -6.92
C ALA A 505 8.30 -27.49 -5.43
N CYS A 506 7.15 -27.04 -4.92
CA CYS A 506 6.93 -27.24 -3.51
C CYS A 506 6.78 -28.74 -3.22
N ASN A 507 6.01 -29.45 -4.02
CA ASN A 507 5.92 -30.88 -3.84
C ASN A 507 7.29 -31.57 -3.89
N ASN A 508 8.14 -31.19 -4.83
CA ASN A 508 9.49 -31.74 -4.90
C ASN A 508 10.27 -31.40 -3.63
N LEU A 509 10.08 -30.20 -3.09
CA LEU A 509 10.75 -29.82 -1.84
C LEU A 509 10.30 -30.68 -0.68
N LYS A 510 9.00 -30.95 -0.60
CA LYS A 510 8.44 -31.76 0.50
C LYS A 510 9.00 -33.16 0.53
N ALA A 511 9.22 -33.74 -0.65
CA ALA A 511 9.53 -35.14 -0.75
C ALA A 511 11.01 -35.36 -0.71
N ASN A 512 11.77 -34.30 -1.02
CA ASN A 512 13.21 -34.46 -1.07
C ASN A 512 14.06 -33.55 -0.16
N LEU A 513 13.51 -32.53 0.46
CA LEU A 513 14.35 -31.70 1.32
C LEU A 513 14.97 -32.53 2.45
N PRO A 514 16.25 -32.26 2.79
CA PRO A 514 16.78 -32.81 4.03
C PRO A 514 15.84 -32.46 5.17
N GLU A 515 15.70 -33.36 6.14
CA GLU A 515 14.83 -33.08 7.27
C GLU A 515 15.22 -31.83 8.07
N VAL A 516 16.49 -31.55 8.17
CA VAL A 516 16.88 -30.41 8.98
C VAL A 516 16.26 -29.12 8.45
N ALA A 517 16.05 -29.05 7.13
CA ALA A 517 15.43 -27.87 6.53
C ALA A 517 13.91 -28.00 6.43
N LEU A 518 13.44 -29.19 6.11
CA LEU A 518 12.02 -29.43 5.94
C LEU A 518 11.26 -29.10 7.22
N GLU A 519 11.79 -29.49 8.37
CA GLU A 519 11.06 -29.28 9.62
C GLU A 519 10.87 -27.80 9.87
N GLU A 520 11.76 -26.96 9.33
CA GLU A 520 11.57 -25.51 9.41
C GLU A 520 10.61 -24.91 8.39
N CYS A 521 10.24 -25.62 7.33
CA CYS A 521 9.38 -24.96 6.33
C CYS A 521 8.16 -25.76 5.84
N SER A 522 7.88 -26.94 6.38
CA SER A 522 6.83 -27.78 5.82
C SER A 522 5.53 -27.01 5.81
N ARG A 523 5.26 -26.23 6.84
CA ARG A 523 4.01 -25.49 6.84
C ARG A 523 3.93 -24.43 5.74
N GLN A 524 5.05 -23.75 5.50
CA GLN A 524 5.08 -22.69 4.49
C GLN A 524 4.99 -23.30 3.09
N LEU A 525 5.60 -24.45 2.89
CA LEU A 525 5.48 -25.22 1.63
C LEU A 525 4.01 -25.48 1.27
N ASP A 526 3.28 -25.92 2.27
CA ASP A 526 1.88 -26.22 2.09
C ASP A 526 1.08 -24.96 1.82
N GLU A 527 1.51 -23.88 2.46
CA GLU A 527 0.89 -22.55 2.26
C GLU A 527 1.05 -22.09 0.79
N LEU A 528 2.25 -22.21 0.23
CA LEU A 528 2.45 -21.82 -1.18
C LEU A 528 1.73 -22.75 -2.16
N ILE A 529 1.56 -24.01 -1.79
CA ILE A 529 0.81 -24.93 -2.63
C ILE A 529 -0.63 -24.50 -2.67
N THR A 530 -1.20 -24.20 -1.52
CA THR A 530 -2.55 -23.73 -1.43
C THR A 530 -2.78 -22.46 -2.27
N LEU A 531 -1.94 -21.47 -2.09
CA LEU A 531 -2.05 -20.27 -2.91
C LEU A 531 -1.85 -20.54 -4.41
N ALA A 532 -0.93 -21.45 -4.74
CA ALA A 532 -0.70 -21.71 -6.20
C ALA A 532 -1.99 -22.27 -6.77
N GLN A 533 -2.68 -23.14 -6.03
CA GLN A 533 -3.98 -23.66 -6.44
C GLN A 533 -5.11 -22.62 -6.53
N GLY A 534 -5.14 -21.67 -5.60
CA GLY A 534 -6.08 -20.55 -5.66
C GLY A 534 -5.71 -19.61 -6.80
N ASP A 535 -4.42 -19.49 -7.06
CA ASP A 535 -3.96 -18.66 -8.16
C ASP A 535 -4.53 -19.25 -9.48
N LYS A 536 -4.34 -20.56 -9.62
CA LYS A 536 -4.77 -21.30 -10.78
C LYS A 536 -6.29 -21.21 -10.89
N ALA A 537 -7.00 -21.42 -9.78
CA ALA A 537 -8.45 -21.29 -9.79
C ALA A 537 -8.88 -19.86 -10.10
N SER A 538 -8.04 -18.89 -9.76
CA SER A 538 -8.34 -17.47 -10.04
C SER A 538 -8.29 -17.23 -11.52
N LEU A 539 -7.36 -17.89 -12.20
CA LEU A 539 -7.25 -17.73 -13.65
C LEU A 539 -8.49 -18.34 -14.32
N ASP A 540 -8.87 -19.55 -13.91
CA ASP A 540 -10.09 -20.17 -14.42
C ASP A 540 -11.23 -19.19 -14.23
N MET A 541 -11.33 -18.65 -13.03
CA MET A 541 -12.38 -17.71 -12.74
C MET A 541 -12.48 -16.66 -13.85
N ILE A 542 -11.31 -16.20 -14.29
CA ILE A 542 -11.20 -15.16 -15.32
C ILE A 542 -11.61 -15.66 -16.72
N VAL A 543 -10.96 -16.72 -17.16
CA VAL A 543 -11.28 -17.30 -18.44
C VAL A 543 -12.79 -17.56 -18.58
N ALA A 544 -13.47 -17.69 -17.44
CA ALA A 544 -14.90 -18.01 -17.44
C ALA A 544 -15.83 -16.80 -17.60
N GLN A 545 -15.36 -15.59 -17.33
C GLN A 545 -15.79 -14.01 -18.29
N LEU A 546 -14.63 -14.14 -18.93
CA LEU A 546 -14.51 -13.92 -20.38
C LEU A 546 -15.58 -14.59 -21.23
N ASN A 547 -15.61 -15.91 -21.23
CA ASN A 547 -16.49 -16.68 -22.12
C ASN A 547 -17.90 -16.81 -21.59
N GLU A 548 -18.28 -15.84 -20.76
CA GLU A 548 -19.64 -15.77 -20.26
C GLU A 548 -20.17 -17.16 -19.95
N ASP A 549 -19.36 -17.92 -19.23
CA ASP A 549 -19.75 -19.21 -18.68
C ASP A 549 -19.97 -19.05 -17.17
N THR A 550 -21.22 -18.76 -16.80
CA THR A 550 -21.63 -18.51 -15.42
C THR A 550 -21.39 -19.73 -14.50
N GLU A 551 -21.46 -20.93 -15.06
CA GLU A 551 -21.34 -22.13 -14.26
C GLU A 551 -19.91 -22.31 -13.77
N ALA A 552 -18.99 -22.27 -14.73
CA ALA A 552 -17.59 -22.51 -14.51
C ALA A 552 -17.03 -21.37 -13.67
N TYR A 553 -17.69 -20.22 -13.78
CA TYR A 553 -17.27 -19.04 -13.04
C TYR A 553 -17.60 -19.18 -11.57
N GLU A 554 -18.84 -19.52 -11.25
CA GLU A 554 -19.23 -19.72 -9.86
C GLU A 554 -18.38 -20.83 -9.24
N SER A 555 -18.05 -21.85 -10.03
CA SER A 555 -17.32 -23.00 -9.51
C SER A 555 -15.85 -22.71 -9.25
N ALA A 556 -15.21 -21.97 -10.18
CA ALA A 556 -13.82 -21.65 -9.97
C ALA A 556 -13.71 -20.57 -8.89
N LYS A 557 -14.77 -19.78 -8.73
CA LYS A 557 -14.81 -18.75 -7.70
C LYS A 557 -14.88 -19.36 -6.29
N GLU A 558 -15.76 -20.35 -6.08
CA GLU A 558 -15.82 -20.92 -4.71
C GLU A 558 -14.47 -21.53 -4.33
N ILE A 559 -13.76 -22.11 -5.29
CA ILE A 559 -12.43 -22.66 -5.01
C ILE A 559 -11.38 -21.60 -4.71
N ALA A 560 -11.32 -20.56 -5.55
CA ALA A 560 -10.33 -19.52 -5.34
C ALA A 560 -10.57 -18.93 -3.96
N GLN A 561 -11.84 -18.77 -3.62
CA GLN A 561 -12.18 -18.20 -2.32
C GLN A 561 -11.80 -19.14 -1.18
N ASN A 562 -11.90 -20.45 -1.39
CA ASN A 562 -11.59 -21.38 -0.34
C ASN A 562 -10.10 -21.47 -0.11
N LYS A 563 -9.34 -21.52 -1.21
CA LYS A 563 -7.88 -21.49 -1.12
C LYS A 563 -7.40 -20.25 -0.38
N LEU A 564 -7.94 -19.08 -0.71
CA LEU A 564 -7.55 -17.84 -0.03
C LEU A 564 -7.82 -17.93 1.47
N ASN A 565 -9.01 -18.40 1.84
CA ASN A 565 -9.42 -18.49 3.22
C ASN A 565 -8.58 -19.47 4.01
N THR A 566 -8.28 -20.60 3.41
CA THR A 566 -7.32 -21.51 4.02
C THR A 566 -6.00 -20.72 4.26
N ALA A 567 -5.40 -20.14 3.22
CA ALA A 567 -4.18 -19.36 3.42
C ALA A 567 -4.31 -18.28 4.53
N LEU A 568 -5.37 -17.48 4.49
CA LEU A 568 -5.56 -16.46 5.53
C LEU A 568 -5.62 -17.06 6.93
N SER A 569 -6.25 -18.23 7.09
CA SER A 569 -6.42 -18.84 8.43
C SER A 569 -5.18 -19.52 9.00
N SER A 570 -4.30 -19.94 8.11
CA SER A 570 -3.20 -20.79 8.46
C SER A 570 -2.11 -20.01 9.25
N PHE A 571 -1.29 -20.68 10.06
CA PHE A 571 -0.27 -19.95 10.84
C PHE A 571 0.86 -19.46 9.93
N ALA A 572 1.16 -20.28 8.93
CA ALA A 572 2.23 -20.02 7.99
C ALA A 572 1.83 -18.84 7.14
N VAL A 573 2.79 -18.00 6.79
CA VAL A 573 2.52 -16.85 5.93
C VAL A 573 3.52 -16.84 4.77
N ILE A 574 3.05 -16.59 3.55
CA ILE A 574 3.95 -16.54 2.45
C ILE A 574 3.34 -15.71 1.32
N SER A 575 4.20 -15.00 0.61
CA SER A 575 3.81 -14.36 -0.66
C SER A 575 2.59 -13.43 -0.54
N GLU A 576 2.46 -12.77 0.62
CA GLU A 576 1.32 -11.91 0.83
C GLU A 576 0.93 -11.01 -0.33
N LYS A 577 1.87 -10.24 -0.86
CA LYS A 577 1.59 -9.25 -1.91
C LYS A 577 1.59 -9.81 -3.32
N VAL A 578 1.89 -11.10 -3.45
CA VAL A 578 1.95 -11.73 -4.77
C VAL A 578 0.90 -12.85 -4.93
N ALA A 579 1.29 -14.08 -4.61
CA ALA A 579 0.37 -15.23 -4.74
C ALA A 579 -0.94 -15.08 -3.98
N GLN A 580 -0.88 -14.52 -2.78
CA GLN A 580 -2.11 -14.38 -2.01
C GLN A 580 -2.91 -13.20 -2.52
N SER A 581 -2.25 -12.07 -2.70
CA SER A 581 -2.92 -10.87 -3.12
C SER A 581 -3.57 -11.11 -4.49
N PHE A 582 -2.90 -11.87 -5.35
CA PHE A 582 -3.46 -12.09 -6.69
C PHE A 582 -4.86 -12.64 -6.58
N ILE A 583 -5.09 -13.49 -5.57
CA ILE A 583 -6.41 -14.08 -5.45
C ILE A 583 -7.47 -13.03 -5.11
N GLN A 584 -7.15 -12.13 -4.17
CA GLN A 584 -8.09 -11.08 -3.81
C GLN A 584 -8.31 -10.12 -4.97
N GLU A 585 -7.27 -9.91 -5.77
CA GLU A 585 -7.37 -9.02 -6.98
C GLU A 585 -8.33 -9.64 -7.99
N ALA A 586 -8.14 -10.93 -8.24
CA ALA A 586 -9.01 -11.69 -9.14
C ALA A 586 -10.47 -11.73 -8.63
N LEU A 587 -10.69 -12.03 -7.36
CA LEU A 587 -12.06 -11.99 -6.83
C LEU A 587 -12.77 -10.61 -6.97
N SER A 588 -12.02 -9.51 -7.00
CA SER A 588 -12.63 -8.18 -6.96
C SER A 588 -12.71 -7.56 -8.33
N PHE A 589 -12.15 -8.25 -9.31
CA PHE A 589 -12.18 -7.82 -10.70
C PHE A 589 -13.51 -8.27 -11.27
N ASP A 590 -14.48 -7.38 -11.25
CA ASP A 590 -15.82 -7.74 -11.68
C ASP A 590 -15.94 -7.80 -13.19
N LEU A 591 -15.73 -9.02 -13.73
CA LEU A 591 -15.88 -9.26 -15.17
C LEU A 591 -17.25 -9.80 -15.62
N THR A 592 -18.30 -9.59 -14.83
CA THR A 592 -19.62 -10.02 -15.30
C THR A 592 -20.47 -8.88 -15.86
N LEU A 593 -20.02 -7.64 -15.66
CA LEU A 593 -20.74 -6.44 -16.16
C LEU A 593 -21.16 -6.50 -17.66
N ILE A 594 -22.47 -6.55 -17.91
CA ILE A 594 -23.09 -7.01 -19.18
C ILE A 594 -22.46 -8.25 -19.83
N GLN B 10 -30.89 35.12 14.32
CA GLN B 10 -31.66 36.00 13.40
C GLN B 10 -31.58 35.50 11.97
N VAL B 11 -30.47 34.83 11.68
CA VAL B 11 -30.10 34.48 10.32
C VAL B 11 -29.70 32.97 10.15
N LEU B 12 -28.53 32.55 10.62
CA LEU B 12 -27.35 33.35 10.55
C LEU B 12 -26.98 32.99 9.10
N VAL B 13 -28.03 32.63 8.35
CA VAL B 13 -27.98 31.93 7.06
C VAL B 13 -27.86 30.42 7.28
N PRO B 14 -28.88 29.67 6.84
CA PRO B 14 -28.80 28.21 6.91
C PRO B 14 -27.77 27.61 5.92
N ASN B 15 -27.51 26.32 6.04
CA ASN B 15 -26.74 25.64 5.05
C ASN B 15 -27.35 25.87 3.70
N LEU B 16 -26.51 26.08 2.70
CA LEU B 16 -26.96 26.35 1.36
C LEU B 16 -26.22 25.49 0.36
N ASN B 17 -26.92 25.03 -0.66
CA ASN B 17 -26.24 24.26 -1.70
C ASN B 17 -26.94 24.35 -3.06
N PRO B 18 -26.18 24.75 -4.11
CA PRO B 18 -24.74 25.04 -4.07
C PRO B 18 -24.43 26.31 -3.29
N THR B 19 -23.16 26.54 -2.93
CA THR B 19 -22.77 27.81 -2.32
C THR B 19 -22.94 28.92 -3.34
N PRO B 20 -23.76 29.93 -3.03
CA PRO B 20 -23.99 31.08 -3.93
C PRO B 20 -22.67 31.79 -4.22
N GLU B 21 -22.48 32.25 -5.46
CA GLU B 21 -21.24 32.94 -5.81
C GLU B 21 -21.01 34.15 -4.86
N ASN B 22 -21.95 35.08 -4.81
CA ASN B 22 -21.80 36.25 -3.94
C ASN B 22 -22.91 36.39 -2.91
N LEU B 23 -22.54 36.42 -1.63
CA LEU B 23 -23.53 36.53 -0.56
C LEU B 23 -23.10 37.42 0.60
N GLU B 24 -23.93 38.42 0.91
CA GLU B 24 -23.66 39.29 2.04
C GLU B 24 -24.84 39.40 2.99
N VAL B 25 -24.55 39.29 4.28
CA VAL B 25 -25.51 39.62 5.35
C VAL B 25 -25.54 41.11 5.66
N VAL B 26 -26.72 41.73 5.61
CA VAL B 26 -26.86 43.18 5.79
C VAL B 26 -27.74 43.56 6.98
N GLY B 27 -28.71 42.70 7.30
CA GLY B 27 -29.55 42.91 8.46
C GLY B 27 -29.48 41.76 9.44
N ASP B 28 -30.41 41.76 10.40
CA ASP B 28 -30.55 40.64 11.32
C ASP B 28 -31.76 39.81 10.93
N GLY B 29 -32.31 40.07 9.74
CA GLY B 29 -33.35 39.20 9.22
C GLY B 29 -34.72 39.41 9.86
N PHE B 30 -35.73 38.74 9.31
CA PHE B 30 -37.10 38.99 9.73
C PHE B 30 -37.99 37.76 9.66
N LYS B 31 -39.20 37.90 10.17
CA LYS B 31 -40.18 36.84 10.09
C LYS B 31 -40.99 37.07 8.84
N ILE B 32 -41.41 35.99 8.19
CA ILE B 32 -42.29 36.07 7.02
C ILE B 32 -43.74 35.74 7.39
N THR B 33 -44.64 36.69 7.14
CA THR B 33 -46.04 36.55 7.55
C THR B 33 -46.71 35.27 7.04
N SER B 34 -47.76 34.84 7.74
CA SER B 34 -48.59 33.68 7.37
C SER B 34 -49.25 33.86 6.02
N SER B 35 -49.51 35.11 5.66
CA SER B 35 -49.96 35.44 4.32
C SER B 35 -48.94 36.44 3.76
N ILE B 36 -48.60 36.29 2.49
CA ILE B 36 -47.72 37.26 1.86
C ILE B 36 -48.39 37.85 0.63
N ASN B 37 -47.84 38.97 0.16
CA ASN B 37 -48.23 39.51 -1.13
C ASN B 37 -47.25 39.04 -2.20
N LEU B 38 -47.77 38.64 -3.36
CA LEU B 38 -46.94 38.13 -4.43
C LEU B 38 -47.01 39.07 -5.64
N VAL B 39 -45.86 39.59 -6.06
CA VAL B 39 -45.82 40.45 -7.25
C VAL B 39 -45.03 39.81 -8.37
N GLY B 40 -45.66 39.63 -9.52
CA GLY B 40 -44.92 39.24 -10.71
C GLY B 40 -45.30 37.89 -11.26
N GLU B 41 -46.12 37.15 -10.52
CA GLU B 41 -46.28 35.72 -10.81
C GLU B 41 -46.82 35.42 -12.20
N GLU B 42 -47.34 36.41 -12.90
CA GLU B 42 -47.84 36.20 -14.27
C GLU B 42 -46.75 36.45 -15.30
N GLU B 43 -45.75 37.23 -14.91
CA GLU B 43 -44.58 37.52 -15.75
C GLU B 43 -43.42 36.53 -15.50
N ALA B 44 -43.19 36.16 -14.23
CA ALA B 44 -42.05 35.33 -13.89
C ALA B 44 -42.09 33.98 -14.59
N ASP B 45 -40.93 33.34 -14.70
CA ASP B 45 -40.85 32.01 -15.27
C ASP B 45 -41.82 31.07 -14.56
N GLU B 46 -42.76 30.52 -15.32
CA GLU B 46 -43.76 29.58 -14.79
C GLU B 46 -43.18 28.56 -13.83
N ASN B 47 -42.14 27.85 -14.28
CA ASN B 47 -41.55 26.77 -13.49
C ASN B 47 -41.08 27.26 -12.13
N ALA B 48 -40.53 28.48 -12.09
CA ALA B 48 -40.06 29.05 -10.83
C ALA B 48 -41.25 29.32 -9.92
N VAL B 49 -42.29 29.90 -10.51
CA VAL B 49 -43.55 30.21 -9.86
C VAL B 49 -44.24 28.99 -9.30
N ASN B 50 -44.31 27.90 -10.07
CA ASN B 50 -44.88 26.65 -9.53
C ASN B 50 -44.02 26.10 -8.43
N ALA B 51 -42.71 26.29 -8.51
CA ALA B 51 -41.84 25.77 -7.45
C ALA B 51 -42.08 26.58 -6.19
N LEU B 52 -42.29 27.88 -6.38
CA LEU B 52 -42.59 28.78 -5.27
C LEU B 52 -43.94 28.45 -4.62
N ARG B 53 -45.00 28.36 -5.42
CA ARG B 53 -46.31 27.93 -4.90
C ARG B 53 -46.14 26.66 -4.06
N GLU B 54 -45.57 25.62 -4.67
CA GLU B 54 -45.32 24.35 -4.01
C GLU B 54 -44.75 24.57 -2.61
N PHE B 55 -43.70 25.39 -2.53
CA PHE B 55 -43.07 25.70 -1.24
C PHE B 55 -44.03 26.38 -0.27
N LEU B 56 -44.51 27.56 -0.64
CA LEU B 56 -45.48 28.27 0.17
C LEU B 56 -46.56 27.33 0.69
N THR B 57 -47.20 26.62 -0.22
CA THR B 57 -48.22 25.66 0.21
C THR B 57 -47.72 24.74 1.32
N ALA B 58 -46.55 24.16 1.14
CA ALA B 58 -46.04 23.21 2.12
C ALA B 58 -45.60 23.86 3.43
N ASN B 59 -45.31 25.15 3.42
CA ASN B 59 -44.96 25.82 4.67
C ASN B 59 -46.13 26.63 5.25
N ASN B 60 -47.35 26.27 4.81
CA ASN B 60 -48.62 26.84 5.30
C ASN B 60 -48.84 28.31 4.95
N ILE B 61 -47.88 28.92 4.26
CA ILE B 61 -47.92 30.31 3.88
C ILE B 61 -48.96 30.57 2.77
N GLU B 62 -49.99 31.34 3.10
CA GLU B 62 -51.05 31.75 2.16
C GLU B 62 -50.65 32.98 1.31
N ILE B 63 -51.15 33.06 0.09
CA ILE B 63 -50.90 34.22 -0.77
C ILE B 63 -52.06 35.21 -0.74
N ASN B 64 -51.81 36.44 -0.27
CA ASN B 64 -52.84 37.47 -0.23
C ASN B 64 -53.56 37.63 -1.56
N SER B 65 -54.89 37.48 -1.51
CA SER B 65 -55.73 37.61 -2.70
C SER B 65 -55.88 39.08 -3.07
N GLU B 66 -56.04 39.92 -2.04
CA GLU B 66 -55.91 41.37 -2.17
C GLU B 66 -54.59 41.77 -1.51
N ASN B 67 -53.88 42.73 -2.11
CA ASN B 67 -52.65 43.21 -1.50
C ASN B 67 -52.82 43.77 -0.08
N ASP B 68 -51.87 43.50 0.81
CA ASP B 68 -51.93 44.01 2.20
C ASP B 68 -50.63 44.62 2.75
N PRO B 69 -50.70 45.89 3.21
CA PRO B 69 -49.57 46.63 3.79
C PRO B 69 -48.78 45.91 4.91
N ASN B 70 -49.46 45.16 5.77
CA ASN B 70 -48.78 44.52 6.92
C ASN B 70 -48.09 43.19 6.62
N SER B 71 -48.23 42.74 5.39
CA SER B 71 -47.75 41.41 5.00
C SER B 71 -46.40 41.43 4.30
N THR B 72 -45.59 40.40 4.56
CA THR B 72 -44.37 40.21 3.80
C THR B 72 -44.74 40.23 2.32
N THR B 73 -43.91 40.89 1.52
CA THR B 73 -44.07 40.92 0.06
C THR B 73 -42.95 40.14 -0.63
N LEU B 74 -43.31 39.50 -1.74
CA LEU B 74 -42.35 38.73 -2.52
C LEU B 74 -42.50 39.07 -4.01
N ILE B 75 -41.43 39.60 -4.62
CA ILE B 75 -41.46 39.92 -6.04
C ILE B 75 -40.59 38.95 -6.84
N ILE B 76 -41.10 38.54 -8.00
CA ILE B 76 -40.41 37.55 -8.81
C ILE B 76 -40.57 37.80 -10.31
N GLY B 77 -39.47 37.73 -11.05
CA GLY B 77 -39.50 37.76 -12.49
C GLY B 77 -38.10 37.72 -13.09
N GLU B 78 -38.00 37.82 -14.40
CA GLU B 78 -36.71 37.90 -15.07
C GLU B 78 -36.30 39.34 -15.38
N VAL B 79 -35.04 39.54 -15.79
CA VAL B 79 -34.50 40.87 -16.02
C VAL B 79 -35.27 41.63 -17.09
N ASP B 80 -35.61 40.98 -18.19
CA ASP B 80 -36.33 41.69 -19.24
C ASP B 80 -37.86 41.67 -19.11
N ASP B 81 -38.33 41.32 -17.93
CA ASP B 81 -39.76 41.42 -17.63
C ASP B 81 -40.05 42.83 -17.14
N ASP B 82 -41.23 43.35 -17.47
CA ASP B 82 -41.63 44.69 -17.07
C ASP B 82 -42.23 44.72 -15.67
N ILE B 83 -41.41 45.05 -14.67
CA ILE B 83 -41.82 44.95 -13.25
C ILE B 83 -41.08 45.96 -12.37
N PRO B 84 -41.75 47.05 -12.00
CA PRO B 84 -41.07 48.14 -11.29
C PRO B 84 -40.76 47.86 -9.81
N GLU B 85 -41.62 47.13 -9.09
CA GLU B 85 -41.34 46.84 -7.68
C GLU B 85 -40.14 45.94 -7.55
N LEU B 86 -39.83 45.21 -8.62
CA LEU B 86 -38.68 44.32 -8.62
C LEU B 86 -37.39 45.15 -8.60
N ASP B 87 -37.39 46.28 -9.30
CA ASP B 87 -36.27 47.21 -9.29
C ASP B 87 -36.20 47.88 -7.93
N GLU B 88 -37.36 48.11 -7.34
CA GLU B 88 -37.48 48.78 -6.05
C GLU B 88 -36.95 47.92 -4.91
N ALA B 89 -37.47 46.70 -4.80
CA ALA B 89 -37.03 45.75 -3.79
C ALA B 89 -35.54 45.40 -3.89
N LEU B 90 -35.03 45.36 -5.11
CA LEU B 90 -33.62 45.03 -5.33
C LEU B 90 -32.67 46.08 -4.72
N ASN B 91 -32.91 47.34 -5.05
CA ASN B 91 -32.12 48.47 -4.52
C ASN B 91 -30.64 48.41 -4.89
N GLY B 92 -30.34 48.54 -6.18
CA GLY B 92 -28.97 48.42 -6.65
C GLY B 92 -28.78 47.15 -7.44
N THR B 93 -28.26 46.09 -6.81
CA THR B 93 -27.88 44.85 -7.50
C THR B 93 -28.96 44.23 -8.40
N THR B 94 -28.55 43.74 -9.58
CA THR B 94 -29.42 42.96 -10.49
C THR B 94 -28.70 41.73 -11.07
N ALA B 95 -29.37 41.06 -11.99
CA ALA B 95 -28.81 39.88 -12.62
C ALA B 95 -28.39 40.21 -14.05
N GLU B 96 -27.99 41.46 -14.28
CA GLU B 96 -27.97 42.02 -15.64
C GLU B 96 -27.30 41.32 -16.81
N ASN B 97 -25.98 41.10 -16.80
CA ASN B 97 -25.02 41.43 -15.75
C ASN B 97 -24.31 40.10 -15.46
N LEU B 98 -25.12 39.06 -15.40
CA LEU B 98 -24.65 37.74 -14.99
C LEU B 98 -24.83 36.82 -16.18
N LYS B 99 -24.24 35.63 -16.12
CA LYS B 99 -24.34 34.70 -17.25
C LYS B 99 -25.65 33.90 -17.26
N GLU B 100 -25.88 33.09 -18.30
CA GLU B 100 -27.05 32.21 -18.33
C GLU B 100 -27.20 31.42 -17.02
N GLU B 101 -28.43 31.34 -16.51
CA GLU B 101 -28.74 30.65 -15.26
C GLU B 101 -28.45 31.51 -14.02
N GLY B 102 -27.85 32.69 -14.23
CA GLY B 102 -27.52 33.60 -13.11
C GLY B 102 -28.78 34.24 -12.52
N TYR B 103 -28.71 34.75 -11.31
CA TYR B 103 -29.90 35.40 -10.72
C TYR B 103 -29.49 36.29 -9.55
N ALA B 104 -30.39 37.17 -9.12
CA ALA B 104 -30.15 37.98 -7.94
C ALA B 104 -31.29 37.76 -6.94
N LEU B 105 -30.98 37.82 -5.65
CA LEU B 105 -31.99 37.67 -4.64
C LEU B 105 -31.70 38.69 -3.55
N VAL B 106 -32.65 39.57 -3.28
CA VAL B 106 -32.53 40.49 -2.13
C VAL B 106 -33.62 40.27 -1.07
N SER B 107 -33.17 40.05 0.18
CA SER B 107 -34.08 39.94 1.32
C SER B 107 -33.84 41.08 2.30
N ASN B 108 -34.83 41.97 2.35
CA ASN B 108 -34.74 43.18 3.13
C ASN B 108 -36.09 43.71 3.65
N ASP B 109 -36.11 44.01 4.95
CA ASP B 109 -37.30 43.92 5.79
C ASP B 109 -38.66 44.00 5.09
N GLY B 110 -39.33 42.84 5.05
CA GLY B 110 -40.68 42.69 4.49
C GLY B 110 -40.71 42.34 3.01
N LYS B 111 -39.55 42.43 2.38
CA LYS B 111 -39.42 42.28 0.94
C LYS B 111 -38.38 41.21 0.63
N ILE B 112 -38.79 40.19 -0.13
CA ILE B 112 -37.86 39.29 -0.78
C ILE B 112 -37.96 39.55 -2.28
N ALA B 113 -36.83 39.76 -2.94
CA ALA B 113 -36.82 39.95 -4.39
C ALA B 113 -35.95 38.90 -5.09
N ILE B 114 -36.53 38.29 -6.13
CA ILE B 114 -35.87 37.25 -6.90
C ILE B 114 -35.95 37.61 -8.38
N GLU B 115 -34.81 37.95 -8.96
CA GLU B 115 -34.72 38.26 -10.38
C GLU B 115 -33.71 37.33 -11.06
N GLY B 116 -34.19 36.60 -12.05
CA GLY B 116 -33.31 35.73 -12.83
C GLY B 116 -32.85 36.39 -14.11
N LYS B 117 -31.67 36.01 -14.58
CA LYS B 117 -31.18 36.52 -15.86
C LYS B 117 -32.07 35.92 -16.97
N ASP B 118 -32.39 34.64 -16.82
CA ASP B 118 -33.38 33.98 -17.67
C ASP B 118 -34.29 33.20 -16.73
N GLY B 119 -35.19 32.39 -17.28
CA GLY B 119 -36.15 31.64 -16.45
C GLY B 119 -35.44 30.54 -15.68
N ASP B 120 -34.36 30.03 -16.24
CA ASP B 120 -33.56 29.07 -15.51
C ASP B 120 -33.08 29.73 -14.23
N GLY B 121 -32.54 30.94 -14.37
CA GLY B 121 -32.00 31.68 -13.23
C GLY B 121 -33.05 31.98 -12.18
N THR B 122 -34.24 32.35 -12.63
CA THR B 122 -35.33 32.65 -11.71
C THR B 122 -35.68 31.44 -10.87
N PHE B 123 -35.90 30.33 -11.57
CA PHE B 123 -36.08 29.01 -10.94
C PHE B 123 -34.99 28.71 -9.92
N TYR B 124 -33.74 28.98 -10.25
CA TYR B 124 -32.69 28.70 -9.27
C TYR B 124 -32.78 29.62 -8.06
N GLY B 125 -33.24 30.85 -8.28
CA GLY B 125 -33.38 31.82 -7.20
C GLY B 125 -34.42 31.38 -6.18
N VAL B 126 -35.51 30.80 -6.69
CA VAL B 126 -36.56 30.21 -5.87
C VAL B 126 -35.97 29.08 -4.99
N GLN B 127 -35.10 28.27 -5.58
CA GLN B 127 -34.39 27.21 -4.81
C GLN B 127 -33.59 27.82 -3.66
N THR B 128 -32.89 28.92 -3.90
CA THR B 128 -32.07 29.47 -2.83
C THR B 128 -33.01 30.03 -1.76
N PHE B 129 -34.08 30.65 -2.21
CA PHE B 129 -35.05 31.19 -1.28
C PHE B 129 -35.54 30.06 -0.32
N LYS B 130 -35.91 28.91 -0.88
CA LYS B 130 -36.31 27.71 -0.11
C LYS B 130 -35.30 27.27 0.94
N GLN B 131 -34.02 27.30 0.62
CA GLN B 131 -32.99 26.96 1.61
C GLN B 131 -32.76 28.07 2.67
N LEU B 132 -33.11 29.32 2.38
CA LEU B 132 -32.85 30.43 3.30
C LEU B 132 -33.86 30.54 4.45
N VAL B 133 -35.09 30.09 4.18
CA VAL B 133 -36.20 30.16 5.11
C VAL B 133 -36.25 28.96 6.08
N LYS B 134 -36.22 29.25 7.38
CA LYS B 134 -36.46 28.25 8.42
C LYS B 134 -37.46 28.82 9.43
N GLU B 135 -38.62 28.19 9.56
CA GLU B 135 -39.61 28.63 10.55
C GLU B 135 -40.22 30.00 10.21
N SER B 136 -40.29 30.31 8.92
CA SER B 136 -40.72 31.64 8.47
C SER B 136 -39.60 32.66 8.54
N ASN B 137 -38.56 32.35 9.33
CA ASN B 137 -37.44 33.27 9.48
C ASN B 137 -36.46 33.21 8.32
N ILE B 138 -36.00 34.37 7.89
CA ILE B 138 -35.03 34.45 6.81
C ILE B 138 -34.01 35.53 7.16
N PRO B 139 -32.73 35.27 6.87
CA PRO B 139 -31.73 36.30 7.14
C PRO B 139 -31.88 37.40 6.13
N GLU B 140 -31.25 38.54 6.38
CA GLU B 140 -31.27 39.63 5.40
C GLU B 140 -29.98 39.66 4.59
N VAL B 141 -30.13 39.41 3.29
CA VAL B 141 -28.99 39.20 2.41
C VAL B 141 -29.17 39.81 1.02
N ASN B 142 -28.04 40.02 0.37
CA ASN B 142 -27.92 40.41 -1.01
C ASN B 142 -27.16 39.29 -1.69
N ILE B 143 -27.71 38.79 -2.79
CA ILE B 143 -27.09 37.66 -3.50
C ILE B 143 -27.06 37.92 -5.00
N THR B 144 -25.91 37.68 -5.61
CA THR B 144 -25.87 37.45 -7.04
C THR B 144 -25.23 36.08 -7.15
N ASP B 145 -25.55 35.34 -8.20
CA ASP B 145 -25.18 33.94 -8.25
C ASP B 145 -25.35 33.40 -9.66
N TYR B 146 -24.42 32.52 -10.06
CA TYR B 146 -24.40 31.90 -11.38
C TYR B 146 -23.45 30.71 -11.29
N PRO B 147 -23.58 29.75 -12.22
CA PRO B 147 -22.73 28.54 -12.12
C PRO B 147 -21.35 28.75 -12.72
N THR B 148 -20.35 28.03 -12.22
CA THR B 148 -19.06 28.00 -12.86
C THR B 148 -19.12 27.26 -14.21
N VAL B 149 -19.77 26.09 -14.18
CA VAL B 149 -19.83 25.17 -15.30
C VAL B 149 -21.26 25.18 -15.83
N SER B 150 -21.43 25.16 -17.16
CA SER B 150 -22.78 25.29 -17.76
C SER B 150 -23.68 24.06 -17.74
N ALA B 151 -23.09 22.88 -17.83
CA ALA B 151 -23.89 21.68 -17.68
C ALA B 151 -23.31 20.91 -16.50
N ARG B 152 -24.19 20.59 -15.54
CA ARG B 152 -23.80 20.03 -14.25
C ARG B 152 -24.85 18.96 -13.90
N GLY B 153 -24.45 17.70 -13.70
CA GLY B 153 -25.49 16.71 -13.54
C GLY B 153 -25.08 15.27 -13.39
N ILE B 154 -25.93 14.38 -13.86
CA ILE B 154 -25.73 12.99 -13.57
C ILE B 154 -25.85 12.24 -14.87
N VAL B 155 -25.00 11.23 -15.06
CA VAL B 155 -25.21 10.25 -16.12
C VAL B 155 -25.61 8.92 -15.49
N GLU B 156 -26.87 8.55 -15.63
CA GLU B 156 -27.26 7.22 -15.18
C GLU B 156 -26.71 6.31 -16.26
N GLY B 157 -25.48 5.82 -16.06
CA GLY B 157 -24.80 5.06 -17.10
C GLY B 157 -24.07 3.87 -16.57
N PHE B 158 -24.54 3.32 -15.45
CA PHE B 158 -23.85 2.22 -14.81
C PHE B 158 -24.40 0.88 -15.26
N TYR B 159 -23.67 -0.19 -14.95
CA TYR B 159 -24.18 -1.56 -15.08
C TYR B 159 -24.93 -1.94 -13.79
N GLY B 160 -25.88 -2.86 -13.88
CA GLY B 160 -26.62 -3.34 -12.71
C GLY B 160 -28.05 -2.85 -12.84
N THR B 161 -28.89 -3.21 -11.85
CA THR B 161 -30.30 -2.85 -11.89
C THR B 161 -30.52 -1.35 -12.08
N PRO B 162 -31.14 -0.95 -13.21
CA PRO B 162 -31.38 0.46 -13.50
C PRO B 162 -32.28 1.11 -12.44
N TRP B 163 -32.12 2.41 -12.25
CA TRP B 163 -32.98 3.12 -11.33
C TRP B 163 -34.45 2.90 -11.70
N THR B 164 -35.32 2.74 -10.68
CA THR B 164 -36.73 2.63 -10.91
C THR B 164 -37.28 3.95 -11.46
N HIS B 165 -38.48 3.88 -12.04
CA HIS B 165 -39.13 5.08 -12.50
C HIS B 165 -39.31 6.08 -11.36
N GLN B 166 -39.95 5.67 -10.28
CA GLN B 166 -40.09 6.54 -9.09
C GLN B 166 -38.78 7.12 -8.56
N ASP B 167 -37.69 6.34 -8.57
CA ASP B 167 -36.36 6.88 -8.27
C ASP B 167 -36.00 8.03 -9.19
N ARG B 168 -36.23 7.87 -10.49
CA ARG B 168 -35.80 8.91 -11.40
C ARG B 168 -36.59 10.21 -11.21
N LEU B 169 -37.87 10.09 -10.89
CA LEU B 169 -38.67 11.28 -10.68
C LEU B 169 -38.16 12.03 -9.44
N ASP B 170 -37.73 11.27 -8.45
CA ASP B 170 -37.21 11.83 -7.21
C ASP B 170 -35.86 12.51 -7.46
N GLN B 171 -35.03 11.91 -8.31
CA GLN B 171 -33.71 12.44 -8.55
C GLN B 171 -33.85 13.75 -9.27
N ILE B 172 -34.79 13.77 -10.22
CA ILE B 172 -34.96 14.97 -11.03
C ILE B 172 -35.36 16.15 -10.15
N LYS B 173 -36.26 15.90 -9.18
CA LYS B 173 -36.62 16.94 -8.21
C LYS B 173 -35.39 17.37 -7.42
N PHE B 174 -34.62 16.37 -7.00
CA PHE B 174 -33.40 16.62 -6.27
C PHE B 174 -32.42 17.46 -7.16
N TYR B 175 -32.34 17.18 -8.45
CA TYR B 175 -31.41 17.95 -9.24
C TYR B 175 -31.83 19.41 -9.20
N GLY B 176 -33.12 19.65 -9.37
CA GLY B 176 -33.62 21.03 -9.42
C GLY B 176 -33.26 21.77 -8.15
N GLU B 177 -33.59 21.16 -7.01
CA GLU B 177 -33.32 21.75 -5.69
C GLU B 177 -31.83 22.03 -5.46
N ASN B 178 -30.95 21.48 -6.29
CA ASN B 178 -29.54 21.72 -6.10
C ASN B 178 -28.91 22.27 -7.37
N LYS B 179 -29.76 22.74 -8.27
CA LYS B 179 -29.29 23.51 -9.42
C LYS B 179 -28.49 22.67 -10.43
N LEU B 180 -28.71 21.35 -10.40
CA LEU B 180 -28.08 20.43 -11.37
C LEU B 180 -29.04 20.40 -12.56
N ASN B 181 -28.52 20.62 -13.76
CA ASN B 181 -29.36 20.88 -14.93
C ASN B 181 -29.26 19.84 -16.04
N THR B 182 -28.63 18.71 -15.73
CA THR B 182 -28.31 17.70 -16.72
C THR B 182 -28.53 16.29 -16.18
N TYR B 183 -29.43 15.55 -16.79
CA TYR B 183 -29.62 14.16 -16.46
C TYR B 183 -29.45 13.37 -17.74
N ILE B 184 -28.50 12.42 -17.76
CA ILE B 184 -28.29 11.65 -18.97
C ILE B 184 -28.83 10.25 -18.81
N TYR B 185 -29.85 9.95 -19.60
CA TYR B 185 -30.42 8.63 -19.55
C TYR B 185 -29.60 7.64 -20.37
N ALA B 186 -28.90 6.70 -19.72
CA ALA B 186 -27.97 5.78 -20.37
C ALA B 186 -27.68 4.47 -19.62
N PRO B 187 -28.70 3.84 -19.03
CA PRO B 187 -28.39 2.63 -18.28
C PRO B 187 -27.88 1.51 -19.19
N LYS B 188 -26.66 1.06 -18.94
CA LYS B 188 -26.09 -0.10 -19.65
C LYS B 188 -27.10 -1.25 -19.71
N ASP B 189 -27.85 -1.47 -18.65
CA ASP B 189 -28.76 -2.63 -18.64
C ASP B 189 -30.22 -2.39 -19.03
N ASP B 190 -30.52 -1.23 -19.57
CA ASP B 190 -31.78 -1.06 -20.25
C ASP B 190 -31.59 -1.66 -21.64
N PRO B 191 -32.26 -2.79 -21.91
CA PRO B 191 -32.01 -3.47 -23.19
C PRO B 191 -32.28 -2.61 -24.42
N TYR B 192 -33.17 -1.62 -24.33
CA TYR B 192 -33.47 -0.72 -25.49
C TYR B 192 -32.47 0.41 -25.66
N HIS B 193 -31.54 0.52 -24.72
CA HIS B 193 -30.53 1.56 -24.83
C HIS B 193 -29.24 1.04 -25.47
N ARG B 194 -29.01 -0.25 -25.41
CA ARG B 194 -27.74 -0.80 -25.81
C ARG B 194 -27.89 -2.18 -26.46
N GLU B 195 -28.30 -3.16 -25.68
CA GLU B 195 -28.37 -4.51 -26.19
C GLU B 195 -29.33 -4.61 -27.39
N LYS B 196 -30.46 -3.93 -27.32
CA LYS B 196 -31.47 -3.98 -28.38
C LYS B 196 -31.77 -2.56 -28.77
N TRP B 197 -30.70 -1.83 -29.10
CA TRP B 197 -30.77 -0.40 -29.42
C TRP B 197 -31.58 -0.10 -30.70
N ARG B 198 -31.65 -1.05 -31.62
CA ARG B 198 -32.53 -0.90 -32.79
C ARG B 198 -34.01 -1.00 -32.41
N GLU B 199 -34.32 -1.59 -31.26
CA GLU B 199 -35.73 -1.80 -30.96
C GLU B 199 -36.41 -0.60 -30.33
N PRO B 200 -37.70 -0.40 -30.67
CA PRO B 200 -38.47 0.68 -30.08
C PRO B 200 -39.02 0.31 -28.70
N TYR B 201 -39.10 1.31 -27.82
CA TYR B 201 -39.64 1.16 -26.48
C TYR B 201 -41.11 0.73 -26.55
N PRO B 202 -41.43 -0.45 -25.96
CA PRO B 202 -42.84 -0.90 -25.82
C PRO B 202 -43.73 0.28 -25.43
N GLU B 203 -45.04 0.12 -25.46
CA GLU B 203 -45.93 1.27 -25.23
C GLU B 203 -45.79 1.89 -23.83
N SER B 204 -45.93 1.06 -22.80
CA SER B 204 -45.85 1.50 -21.40
C SER B 204 -44.52 2.15 -21.01
N GLU B 205 -43.41 1.67 -21.56
CA GLU B 205 -42.13 2.32 -21.27
C GLU B 205 -42.05 3.68 -21.97
N MET B 206 -43.01 3.95 -22.85
CA MET B 206 -43.08 5.26 -23.48
C MET B 206 -43.72 6.28 -22.57
N GLN B 207 -44.86 5.92 -22.01
CA GLN B 207 -45.56 6.80 -21.07
C GLN B 207 -44.63 7.23 -19.94
N ARG B 208 -43.78 6.30 -19.50
CA ARG B 208 -42.85 6.60 -18.42
C ARG B 208 -41.80 7.60 -18.86
N MET B 209 -41.16 7.39 -20.01
CA MET B 209 -40.19 8.37 -20.49
C MET B 209 -40.80 9.76 -20.60
N GLN B 210 -42.07 9.80 -21.02
CA GLN B 210 -42.77 11.05 -21.19
C GLN B 210 -42.87 11.76 -19.86
N GLU B 211 -43.22 11.02 -18.81
CA GLU B 211 -43.20 11.58 -17.45
C GLU B 211 -41.82 12.10 -17.04
N LEU B 212 -40.76 11.44 -17.51
CA LEU B 212 -39.39 11.83 -17.17
C LEU B 212 -39.05 13.13 -17.86
N ILE B 213 -39.35 13.16 -19.14
CA ILE B 213 -39.17 14.36 -19.90
C ILE B 213 -39.94 15.49 -19.27
N ASN B 214 -41.22 15.29 -18.99
CA ASN B 214 -42.03 16.35 -18.39
C ASN B 214 -41.40 16.79 -17.07
N ALA B 215 -41.08 15.83 -16.23
CA ALA B 215 -40.48 16.15 -14.94
C ALA B 215 -39.15 16.91 -15.12
N SER B 216 -38.35 16.51 -16.12
CA SER B 216 -37.09 17.22 -16.39
C SER B 216 -37.36 18.67 -16.76
N ALA B 217 -38.25 18.89 -17.72
CA ALA B 217 -38.62 20.24 -18.10
C ALA B 217 -39.08 21.08 -16.92
N GLU B 218 -40.03 20.56 -16.13
CA GLU B 218 -40.55 21.37 -15.04
C GLU B 218 -39.49 21.72 -13.98
N ASN B 219 -38.32 21.07 -14.06
CA ASN B 219 -37.22 21.31 -13.11
C ASN B 219 -35.97 21.96 -13.74
N LYS B 220 -36.12 22.45 -14.98
CA LYS B 220 -34.99 23.07 -15.69
C LYS B 220 -33.82 22.12 -15.87
N VAL B 221 -34.09 20.82 -15.77
CA VAL B 221 -33.08 19.81 -16.07
C VAL B 221 -33.15 19.47 -17.57
N ASP B 222 -31.99 19.39 -18.22
CA ASP B 222 -31.89 18.87 -19.58
C ASP B 222 -31.87 17.33 -19.56
N PHE B 223 -32.97 16.76 -20.02
CA PHE B 223 -33.03 15.33 -20.24
C PHE B 223 -32.27 14.96 -21.52
N VAL B 224 -31.21 14.18 -21.33
CA VAL B 224 -30.35 13.83 -22.42
C VAL B 224 -30.59 12.38 -22.73
N PHE B 225 -31.03 12.08 -23.95
CA PHE B 225 -31.33 10.69 -24.26
C PHE B 225 -30.17 9.98 -24.90
N GLY B 226 -29.67 8.95 -24.22
CA GLY B 226 -28.49 8.24 -24.70
C GLY B 226 -28.76 6.94 -25.45
N ILE B 227 -27.84 6.58 -26.34
CA ILE B 227 -28.00 5.34 -27.10
C ILE B 227 -26.65 4.70 -27.34
N SER B 228 -26.54 3.38 -27.18
CA SER B 228 -25.24 2.76 -27.29
C SER B 228 -25.26 1.57 -28.26
N PRO B 229 -25.00 1.88 -29.54
CA PRO B 229 -25.18 1.01 -30.67
C PRO B 229 -23.93 0.23 -31.03
N GLY B 230 -22.83 0.43 -30.30
CA GLY B 230 -21.52 0.12 -30.83
C GLY B 230 -21.11 -1.34 -30.77
N ILE B 231 -21.89 -2.14 -30.04
CA ILE B 231 -21.57 -3.55 -29.92
C ILE B 231 -21.75 -4.21 -31.29
N ASP B 232 -22.70 -3.70 -32.08
CA ASP B 232 -23.01 -4.39 -33.32
C ASP B 232 -23.55 -3.52 -34.46
N ILE B 233 -23.46 -2.21 -34.34
CA ILE B 233 -23.90 -1.36 -35.43
C ILE B 233 -23.08 -1.71 -36.66
N ARG B 234 -23.68 -1.68 -37.86
CA ARG B 234 -22.91 -1.94 -39.09
C ARG B 234 -22.71 -0.62 -39.80
N PHE B 235 -21.58 -0.44 -40.47
CA PHE B 235 -21.24 0.87 -41.03
C PHE B 235 -21.33 1.00 -42.55
N ASP B 236 -21.09 -0.07 -43.31
CA ASP B 236 -21.03 0.12 -44.74
C ASP B 236 -22.27 -0.28 -45.54
N GLY B 237 -22.41 0.29 -46.74
CA GLY B 237 -23.46 -0.11 -47.67
C GLY B 237 -24.85 -0.06 -47.09
N ASP B 238 -25.71 -0.97 -47.55
CA ASP B 238 -27.14 -0.96 -47.19
C ASP B 238 -27.43 -1.24 -45.71
N ALA B 239 -26.61 -2.08 -45.10
CA ALA B 239 -26.72 -2.38 -43.67
C ALA B 239 -26.39 -1.13 -42.85
N GLY B 240 -25.37 -0.39 -43.27
CA GLY B 240 -24.99 0.86 -42.61
C GLY B 240 -26.11 1.88 -42.70
N GLU B 241 -26.77 1.88 -43.86
CA GLU B 241 -27.96 2.68 -44.08
C GLU B 241 -29.11 2.23 -43.19
N GLU B 242 -29.23 0.93 -43.00
CA GLU B 242 -30.30 0.41 -42.18
C GLU B 242 -30.10 0.85 -40.74
N ASP B 243 -28.91 0.56 -40.21
CA ASP B 243 -28.56 0.90 -38.86
C ASP B 243 -28.54 2.39 -38.58
N PHE B 244 -28.09 3.20 -39.53
CA PHE B 244 -28.15 4.63 -39.30
C PHE B 244 -29.60 5.14 -39.25
N ASN B 245 -30.48 4.68 -40.14
CA ASN B 245 -31.90 5.07 -39.99
C ASN B 245 -32.54 4.61 -38.62
N HIS B 246 -32.11 3.48 -38.08
CA HIS B 246 -32.51 3.06 -36.73
C HIS B 246 -32.13 4.08 -35.66
N LEU B 247 -30.92 4.63 -35.75
CA LEU B 247 -30.55 5.71 -34.85
C LEU B 247 -31.50 6.90 -34.99
N ILE B 248 -31.72 7.33 -36.22
CA ILE B 248 -32.58 8.49 -36.46
C ILE B 248 -33.98 8.24 -35.88
N THR B 249 -34.52 7.06 -36.19
CA THR B 249 -35.88 6.71 -35.86
C THR B 249 -36.10 6.76 -34.35
N LYS B 250 -35.18 6.14 -33.61
CA LYS B 250 -35.23 6.10 -32.14
C LYS B 250 -35.11 7.51 -31.59
N ALA B 251 -34.18 8.29 -32.13
CA ALA B 251 -34.04 9.67 -31.71
C ALA B 251 -35.24 10.51 -32.14
N GLU B 252 -35.97 10.07 -33.16
CA GLU B 252 -37.18 10.80 -33.57
C GLU B 252 -38.32 10.60 -32.58
N SER B 253 -38.60 9.35 -32.23
CA SER B 253 -39.68 9.09 -31.31
C SER B 253 -39.48 9.89 -30.01
N LEU B 254 -38.24 9.93 -29.51
CA LEU B 254 -37.90 10.68 -28.31
C LEU B 254 -37.90 12.18 -28.48
N TYR B 255 -37.53 12.63 -29.66
CA TYR B 255 -37.67 14.02 -30.00
C TYR B 255 -39.13 14.46 -29.89
N ASP B 256 -40.04 13.61 -30.39
CA ASP B 256 -41.47 13.93 -30.49
C ASP B 256 -42.08 13.89 -29.09
N MET B 257 -41.34 13.33 -28.15
CA MET B 257 -41.80 13.35 -26.79
C MET B 257 -41.31 14.57 -26.04
N GLY B 258 -40.53 15.42 -26.69
CA GLY B 258 -39.98 16.61 -26.02
C GLY B 258 -38.47 16.61 -25.75
N VAL B 259 -37.80 15.48 -25.95
CA VAL B 259 -36.34 15.39 -25.80
C VAL B 259 -35.60 16.29 -26.79
N ARG B 260 -34.74 17.17 -26.25
CA ARG B 260 -33.90 18.10 -27.07
C ARG B 260 -32.38 17.95 -26.85
N SER B 261 -31.95 16.91 -26.12
CA SER B 261 -30.50 16.61 -25.98
C SER B 261 -30.22 15.11 -26.19
N PHE B 262 -29.22 14.79 -27.01
CA PHE B 262 -28.92 13.39 -27.34
C PHE B 262 -27.45 13.04 -27.12
N ALA B 263 -27.19 11.79 -26.79
CA ALA B 263 -25.83 11.26 -26.63
C ALA B 263 -25.72 9.96 -27.41
N ILE B 264 -24.59 9.77 -28.07
CA ILE B 264 -24.32 8.49 -28.73
C ILE B 264 -22.96 8.00 -28.21
N TYR B 265 -22.95 6.80 -27.67
CA TYR B 265 -21.86 6.36 -26.80
C TYR B 265 -21.13 5.19 -27.37
N TRP B 266 -19.80 5.26 -27.37
CA TRP B 266 -18.98 4.20 -27.97
C TRP B 266 -18.09 3.44 -26.98
N ASP B 267 -18.42 3.50 -25.68
CA ASP B 267 -17.55 2.99 -24.62
C ASP B 267 -17.77 1.49 -24.47
N ASP B 268 -16.72 0.78 -24.07
CA ASP B 268 -16.86 -0.62 -23.66
C ASP B 268 -17.12 -1.57 -24.83
N ILE B 269 -16.65 -1.25 -26.03
CA ILE B 269 -16.95 -2.11 -27.16
C ILE B 269 -15.65 -2.61 -27.76
N GLN B 270 -15.70 -3.70 -28.53
CA GLN B 270 -14.49 -4.25 -29.14
C GLN B 270 -14.11 -3.48 -30.38
N ASP B 271 -15.12 -3.04 -31.12
CA ASP B 271 -14.84 -2.33 -32.36
C ASP B 271 -14.20 -1.00 -32.06
N LYS B 272 -13.12 -0.71 -32.76
CA LYS B 272 -12.44 0.56 -32.57
C LYS B 272 -12.18 1.17 -33.93
N SER B 273 -13.25 1.30 -34.70
CA SER B 273 -13.23 1.96 -35.99
C SER B 273 -13.44 3.44 -35.77
N ALA B 274 -12.36 4.15 -35.43
CA ALA B 274 -12.45 5.53 -35.00
C ALA B 274 -13.25 6.34 -35.99
N ALA B 275 -12.85 6.27 -37.26
CA ALA B 275 -13.49 7.05 -38.31
C ALA B 275 -14.96 6.73 -38.50
N LYS B 276 -15.29 5.46 -38.53
CA LYS B 276 -16.68 5.11 -38.76
C LYS B 276 -17.56 5.63 -37.62
N HIS B 277 -17.02 5.58 -36.39
CA HIS B 277 -17.70 6.15 -35.22
C HIS B 277 -17.95 7.63 -35.36
N ALA B 278 -16.88 8.39 -35.62
CA ALA B 278 -17.02 9.84 -35.71
C ALA B 278 -17.98 10.22 -36.84
N GLN B 279 -17.92 9.47 -37.95
CA GLN B 279 -18.78 9.73 -39.10
C GLN B 279 -20.25 9.54 -38.75
N VAL B 280 -20.57 8.45 -38.05
CA VAL B 280 -21.94 8.29 -37.59
C VAL B 280 -22.34 9.55 -36.83
N LEU B 281 -21.45 10.01 -35.95
CA LEU B 281 -21.76 11.16 -35.11
C LEU B 281 -22.04 12.37 -35.98
N ASN B 282 -21.15 12.61 -36.95
CA ASN B 282 -21.30 13.70 -37.91
C ASN B 282 -22.56 13.63 -38.77
N ARG B 283 -22.88 12.44 -39.27
CA ARG B 283 -24.10 12.29 -40.05
C ARG B 283 -25.33 12.54 -39.18
N PHE B 284 -25.36 12.00 -37.96
CA PHE B 284 -26.49 12.26 -37.04
C PHE B 284 -26.56 13.75 -36.73
N ASN B 285 -25.38 14.32 -36.46
CA ASN B 285 -25.29 15.73 -36.13
C ASN B 285 -25.97 16.57 -37.21
N GLU B 286 -25.65 16.24 -38.47
CA GLU B 286 -26.17 16.88 -39.64
C GLU B 286 -27.66 16.65 -39.87
N GLU B 287 -28.04 15.38 -40.01
CA GLU B 287 -29.40 15.05 -40.46
C GLU B 287 -30.41 15.06 -39.32
N PHE B 288 -29.94 15.38 -38.13
CA PHE B 288 -30.86 15.45 -37.00
C PHE B 288 -30.67 16.72 -36.14
N VAL B 289 -29.45 16.96 -35.67
CA VAL B 289 -29.20 18.08 -34.76
C VAL B 289 -29.44 19.47 -35.37
N LYS B 290 -28.96 19.69 -36.59
CA LYS B 290 -29.12 20.98 -37.26
C LYS B 290 -30.41 21.00 -38.05
N ALA B 291 -30.70 19.87 -38.71
CA ALA B 291 -31.95 19.75 -39.46
C ALA B 291 -33.07 20.13 -38.51
N LYS B 292 -32.81 20.03 -37.21
CA LYS B 292 -33.87 20.23 -36.21
C LYS B 292 -33.80 21.62 -35.54
N GLY B 293 -32.61 22.23 -35.53
CA GLY B 293 -32.45 23.58 -35.01
C GLY B 293 -32.67 23.80 -33.51
N ASP B 294 -33.62 23.14 -32.88
CA ASP B 294 -33.83 23.38 -31.45
C ASP B 294 -33.17 22.34 -30.53
N VAL B 295 -32.10 21.70 -31.01
CA VAL B 295 -31.45 20.60 -30.25
C VAL B 295 -30.04 20.97 -29.80
N LYS B 296 -29.67 20.66 -28.57
CA LYS B 296 -28.34 21.04 -28.11
C LYS B 296 -27.20 20.22 -28.74
N PRO B 297 -25.93 20.60 -28.47
CA PRO B 297 -24.84 19.83 -29.07
C PRO B 297 -24.91 18.33 -28.76
N LEU B 298 -24.53 17.52 -29.73
CA LEU B 298 -24.46 16.06 -29.60
C LEU B 298 -23.39 15.73 -28.57
N ILE B 299 -23.69 14.81 -27.67
CA ILE B 299 -22.76 14.34 -26.64
C ILE B 299 -22.24 12.94 -27.02
N THR B 300 -20.97 12.68 -26.79
CA THR B 300 -20.44 11.36 -27.10
C THR B 300 -19.34 10.99 -26.12
N VAL B 301 -18.95 9.73 -26.15
CA VAL B 301 -17.80 9.28 -25.37
C VAL B 301 -17.17 8.30 -26.30
N PRO B 302 -15.88 8.49 -26.63
CA PRO B 302 -15.25 7.59 -27.58
C PRO B 302 -14.84 6.28 -26.92
N THR B 303 -14.36 5.31 -27.69
CA THR B 303 -14.05 3.99 -27.10
C THR B 303 -12.79 4.12 -26.26
N GLU B 304 -11.88 4.99 -26.70
CA GLU B 304 -10.83 5.47 -25.81
C GLU B 304 -11.32 6.72 -25.06
N TYR B 305 -11.54 6.60 -23.76
CA TYR B 305 -12.18 7.69 -23.00
C TYR B 305 -11.51 8.03 -21.68
N ASP B 306 -10.43 7.31 -21.30
CA ASP B 306 -9.52 7.79 -20.24
C ASP B 306 -8.11 7.99 -20.79
N THR B 307 -7.33 8.86 -20.14
CA THR B 307 -6.02 9.22 -20.65
C THR B 307 -5.08 8.04 -20.89
N GLY B 308 -5.05 7.10 -19.94
CA GLY B 308 -4.24 5.90 -20.11
C GLY B 308 -4.63 5.21 -21.42
N ALA B 309 -5.91 5.24 -21.76
CA ALA B 309 -6.35 4.57 -22.98
C ALA B 309 -6.25 5.44 -24.23
N MET B 310 -6.14 6.76 -24.08
CA MET B 310 -6.18 7.68 -25.22
C MET B 310 -4.81 8.19 -25.63
N VAL B 311 -3.83 8.06 -24.74
CA VAL B 311 -2.54 8.73 -24.92
C VAL B 311 -1.36 7.81 -24.64
N SER B 312 -0.41 7.78 -25.56
CA SER B 312 0.82 7.06 -25.30
C SER B 312 1.95 8.05 -25.47
N ASN B 313 2.84 8.10 -24.47
CA ASN B 313 3.94 9.06 -24.44
C ASN B 313 3.57 10.47 -24.95
N GLY B 314 2.59 11.10 -24.31
CA GLY B 314 2.16 12.48 -24.64
C GLY B 314 1.47 12.67 -25.97
N GLN B 315 1.35 11.60 -26.76
CA GLN B 315 0.70 11.67 -28.08
C GLN B 315 -0.54 10.79 -28.08
N PRO B 316 -1.57 11.24 -28.80
CA PRO B 316 -2.80 10.45 -28.95
C PRO B 316 -2.54 9.13 -29.64
N ARG B 317 -3.03 8.04 -29.08
CA ARG B 317 -2.95 6.78 -29.82
C ARG B 317 -3.83 6.87 -31.08
N ALA B 318 -3.66 5.94 -32.00
CA ALA B 318 -4.31 6.00 -33.33
C ALA B 318 -5.84 6.20 -33.32
N TYR B 319 -6.56 5.40 -32.51
CA TYR B 319 -7.99 5.61 -32.34
C TYR B 319 -8.32 7.07 -31.95
N THR B 320 -7.70 7.52 -30.85
CA THR B 320 -7.98 8.88 -30.38
C THR B 320 -7.67 9.92 -31.46
N ARG B 321 -6.49 9.82 -32.06
CA ARG B 321 -6.05 10.77 -33.09
C ARG B 321 -7.02 10.85 -34.25
N ILE B 322 -7.36 9.70 -34.83
CA ILE B 322 -8.30 9.73 -35.95
C ILE B 322 -9.65 10.32 -35.53
N PHE B 323 -10.18 9.87 -34.39
CA PHE B 323 -11.46 10.32 -33.84
C PHE B 323 -11.44 11.83 -33.61
N ALA B 324 -10.45 12.31 -32.87
CA ALA B 324 -10.29 13.74 -32.66
C ALA B 324 -10.38 14.57 -33.95
N GLU B 325 -9.74 14.09 -35.02
CA GLU B 325 -9.64 14.89 -36.23
C GLU B 325 -10.86 14.73 -37.14
N THR B 326 -11.65 13.70 -36.89
CA THR B 326 -12.84 13.48 -37.70
C THR B 326 -14.09 14.08 -37.09
N VAL B 327 -14.26 13.95 -35.76
CA VAL B 327 -15.50 14.36 -35.10
C VAL B 327 -15.79 15.88 -35.20
N ASP B 328 -16.98 16.28 -35.67
CA ASP B 328 -17.27 17.73 -35.78
C ASP B 328 -16.89 18.40 -34.46
N PRO B 329 -16.42 19.66 -34.54
CA PRO B 329 -16.01 20.53 -33.44
C PRO B 329 -17.11 20.85 -32.42
N SER B 330 -18.36 20.85 -32.87
CA SER B 330 -19.45 21.26 -31.99
C SER B 330 -20.03 20.11 -31.16
N ILE B 331 -19.45 18.93 -31.26
CA ILE B 331 -19.94 17.76 -30.56
C ILE B 331 -19.21 17.70 -29.22
N GLU B 332 -19.93 17.44 -28.13
CA GLU B 332 -19.29 17.27 -26.82
C GLU B 332 -18.66 15.89 -26.59
N VAL B 333 -17.41 15.89 -26.18
CA VAL B 333 -16.75 14.64 -26.03
C VAL B 333 -16.47 14.46 -24.55
N MET B 334 -16.90 13.35 -23.97
CA MET B 334 -16.66 13.11 -22.55
C MET B 334 -15.37 12.29 -22.42
N TRP B 335 -14.64 12.49 -21.32
CA TRP B 335 -13.61 11.52 -20.92
C TRP B 335 -13.70 11.43 -19.39
N THR B 336 -13.09 10.41 -18.80
CA THR B 336 -13.26 10.09 -17.40
C THR B 336 -12.09 10.55 -16.55
N GLY B 337 -11.05 11.10 -17.21
CA GLY B 337 -9.86 11.50 -16.49
C GLY B 337 -8.70 10.61 -16.84
N PRO B 338 -7.65 10.66 -16.03
CA PRO B 338 -6.42 9.90 -16.29
C PRO B 338 -6.63 8.39 -16.34
N GLY B 339 -7.72 7.94 -15.75
CA GLY B 339 -8.10 6.53 -15.74
C GLY B 339 -9.62 6.43 -15.80
N VAL B 340 -10.11 5.20 -15.81
CA VAL B 340 -11.52 4.95 -15.85
C VAL B 340 -12.18 5.30 -14.52
N VAL B 341 -11.62 4.75 -13.43
CA VAL B 341 -11.94 5.18 -12.08
C VAL B 341 -10.63 5.62 -11.43
N THR B 342 -10.47 6.91 -11.10
CA THR B 342 -9.12 7.40 -10.89
C THR B 342 -9.09 8.36 -9.69
N ASN B 343 -7.94 8.50 -9.00
CA ASN B 343 -7.92 9.37 -7.82
C ASN B 343 -8.26 10.82 -8.17
N GLU B 344 -7.81 11.27 -9.33
CA GLU B 344 -7.78 12.69 -9.60
C GLU B 344 -7.98 13.05 -11.06
N ILE B 345 -8.50 14.26 -11.27
CA ILE B 345 -8.26 14.89 -12.52
C ILE B 345 -7.47 16.18 -12.36
N PRO B 346 -6.13 16.08 -12.37
CA PRO B 346 -5.40 17.31 -12.28
C PRO B 346 -5.59 18.16 -13.53
N LEU B 347 -5.39 19.46 -13.36
CA LEU B 347 -5.49 20.45 -14.41
C LEU B 347 -4.73 20.03 -15.66
N SER B 348 -3.49 19.57 -15.48
CA SER B 348 -2.65 19.17 -16.62
C SER B 348 -3.31 18.11 -17.50
N ASP B 349 -4.08 17.20 -16.91
CA ASP B 349 -4.69 16.11 -17.68
C ASP B 349 -5.85 16.66 -18.50
N ALA B 350 -6.63 17.52 -17.86
CA ALA B 350 -7.68 18.24 -18.58
C ALA B 350 -7.07 19.03 -19.74
N GLN B 351 -5.88 19.56 -19.53
CA GLN B 351 -5.24 20.37 -20.56
C GLN B 351 -4.80 19.53 -21.74
N LEU B 352 -4.18 18.40 -21.42
CA LEU B 352 -3.65 17.48 -22.42
C LEU B 352 -4.76 17.03 -23.34
N ILE B 353 -5.87 16.67 -22.72
CA ILE B 353 -6.99 16.09 -23.44
C ILE B 353 -7.78 17.17 -24.19
N SER B 354 -7.96 18.31 -23.55
CA SER B 354 -8.59 19.46 -24.23
C SER B 354 -7.69 19.86 -25.42
N GLY B 355 -6.38 19.95 -25.21
CA GLY B 355 -5.47 20.20 -26.35
C GLY B 355 -5.66 19.19 -27.47
N ILE B 356 -5.77 17.92 -27.13
CA ILE B 356 -5.88 16.89 -28.15
C ILE B 356 -7.13 17.00 -29.04
N TYR B 357 -8.27 17.39 -28.45
CA TYR B 357 -9.55 17.65 -29.17
C TYR B 357 -9.75 19.12 -29.44
N ASP B 358 -8.72 19.94 -29.19
CA ASP B 358 -8.89 21.35 -28.85
C ASP B 358 -10.36 21.78 -28.84
N ARG B 359 -11.04 21.38 -27.77
CA ARG B 359 -12.34 21.90 -27.45
C ARG B 359 -12.48 21.82 -25.94
N ASN B 360 -13.41 22.59 -25.37
CA ASN B 360 -13.85 22.29 -24.01
C ASN B 360 -14.44 20.89 -23.94
N MET B 361 -13.94 20.12 -22.99
CA MET B 361 -14.33 18.73 -22.77
C MET B 361 -15.50 18.58 -21.79
N ALA B 362 -16.16 17.42 -21.86
CA ALA B 362 -17.13 17.01 -20.84
C ALA B 362 -16.51 15.87 -20.06
N VAL B 363 -16.83 15.81 -18.76
CA VAL B 363 -16.34 14.77 -17.85
C VAL B 363 -17.47 13.81 -17.50
N TRP B 364 -17.14 12.53 -17.58
CA TRP B 364 -17.96 11.45 -17.09
C TRP B 364 -17.18 10.94 -15.88
N TRP B 365 -17.59 11.33 -14.67
CA TRP B 365 -16.84 11.01 -13.46
C TRP B 365 -17.37 9.72 -12.80
N ASN B 366 -16.56 8.67 -12.76
CA ASN B 366 -17.00 7.41 -12.24
C ASN B 366 -16.89 7.35 -10.73
N TYR B 367 -17.65 8.23 -10.08
CA TYR B 367 -17.83 8.21 -8.63
C TYR B 367 -19.10 9.00 -8.45
N PRO B 368 -20.06 8.48 -7.69
CA PRO B 368 -19.95 7.38 -6.74
C PRO B 368 -20.31 5.99 -7.25
N VAL B 369 -20.29 5.78 -8.58
CA VAL B 369 -20.72 4.49 -9.14
C VAL B 369 -19.95 3.35 -8.47
N THR B 370 -20.63 2.22 -8.20
CA THR B 370 -20.01 1.08 -7.49
C THR B 370 -20.19 -0.23 -8.24
N ASP B 371 -20.50 -0.14 -9.51
CA ASP B 371 -20.92 -1.34 -10.24
C ASP B 371 -19.76 -2.35 -10.34
N TYR B 372 -18.54 -1.90 -10.10
CA TYR B 372 -17.37 -2.76 -10.24
C TYR B 372 -16.93 -3.29 -8.88
N PHE B 373 -17.65 -2.95 -7.82
CA PHE B 373 -17.26 -3.39 -6.48
C PHE B 373 -18.51 -3.18 -5.62
N LYS B 374 -19.57 -3.92 -5.94
CA LYS B 374 -20.90 -3.62 -5.42
C LYS B 374 -21.03 -3.74 -3.91
N GLY B 375 -20.10 -4.40 -3.24
CA GLY B 375 -20.29 -4.59 -1.80
C GLY B 375 -20.14 -3.29 -1.04
N LYS B 376 -19.44 -2.34 -1.63
CA LYS B 376 -19.18 -1.12 -0.87
C LYS B 376 -20.06 0.01 -1.36
N LEU B 377 -20.52 0.84 -0.43
CA LEU B 377 -21.24 2.05 -0.75
C LEU B 377 -20.26 3.18 -0.85
N ALA B 378 -20.45 4.05 -1.85
CA ALA B 378 -19.57 5.19 -2.01
C ALA B 378 -20.26 6.43 -1.50
N LEU B 379 -19.84 6.91 -0.35
CA LEU B 379 -20.57 7.93 0.40
C LEU B 379 -19.74 9.18 0.64
N GLY B 380 -18.68 9.39 -0.17
CA GLY B 380 -17.75 10.52 0.01
C GLY B 380 -18.05 11.68 -0.95
N PRO B 381 -17.34 12.80 -0.80
CA PRO B 381 -17.60 13.99 -1.60
C PRO B 381 -16.85 13.87 -2.92
N MET B 382 -17.08 14.80 -3.86
CA MET B 382 -16.24 14.92 -5.03
C MET B 382 -14.84 15.05 -4.46
N HIS B 383 -13.89 14.23 -4.88
CA HIS B 383 -12.54 14.30 -4.34
C HIS B 383 -11.48 14.18 -5.47
N GLY B 384 -10.47 15.04 -5.48
CA GLY B 384 -9.38 14.91 -6.48
C GLY B 384 -9.60 15.68 -7.77
N LEU B 385 -10.72 16.37 -7.87
CA LEU B 385 -10.97 17.12 -9.06
C LEU B 385 -10.44 18.53 -8.87
N ASP B 386 -9.59 18.95 -9.80
CA ASP B 386 -8.91 20.25 -9.75
C ASP B 386 -9.94 21.40 -9.65
N LYS B 387 -9.67 22.39 -8.81
CA LYS B 387 -10.57 23.56 -8.71
C LYS B 387 -10.55 24.42 -9.95
N GLY B 388 -9.56 24.22 -10.84
CA GLY B 388 -9.48 25.00 -12.07
C GLY B 388 -9.95 24.30 -13.33
N LEU B 389 -10.53 23.12 -13.19
CA LEU B 389 -10.99 22.30 -14.31
C LEU B 389 -11.85 23.06 -15.31
N ASN B 390 -12.64 24.01 -14.83
CA ASN B 390 -13.50 24.81 -15.74
C ASN B 390 -12.77 25.55 -16.86
N GLN B 391 -11.46 25.74 -16.71
CA GLN B 391 -10.70 26.32 -17.81
C GLN B 391 -10.71 25.41 -19.04
N TYR B 392 -10.79 24.09 -18.84
CA TYR B 392 -10.77 23.14 -19.95
C TYR B 392 -12.04 22.30 -20.07
N VAL B 393 -12.91 22.40 -19.06
CA VAL B 393 -14.13 21.59 -18.99
C VAL B 393 -15.33 22.49 -18.86
N ASP B 394 -16.39 22.17 -19.60
CA ASP B 394 -17.61 23.00 -19.61
C ASP B 394 -18.86 22.16 -19.31
N PHE B 395 -18.64 20.92 -18.89
CA PHE B 395 -19.70 19.93 -18.81
C PHE B 395 -19.28 18.82 -17.83
N PHE B 396 -20.02 18.69 -16.74
CA PHE B 396 -19.60 17.81 -15.68
C PHE B 396 -20.76 16.99 -15.17
N THR B 397 -20.57 15.67 -15.11
CA THR B 397 -21.59 14.69 -14.72
C THR B 397 -20.88 13.57 -13.98
N VAL B 398 -21.54 13.03 -12.94
CA VAL B 398 -21.07 11.88 -12.24
C VAL B 398 -21.92 10.67 -12.65
N ASN B 399 -21.28 9.51 -12.72
CA ASN B 399 -21.96 8.25 -12.80
C ASN B 399 -22.20 7.83 -11.36
N PRO B 400 -23.48 7.68 -10.94
CA PRO B 400 -23.77 7.35 -9.57
C PRO B 400 -23.90 5.82 -9.33
N MET B 401 -24.36 5.43 -8.15
CA MET B 401 -24.60 4.05 -7.79
C MET B 401 -25.98 3.61 -8.27
N GLU B 402 -26.20 2.30 -8.33
CA GLU B 402 -27.53 1.75 -8.51
C GLU B 402 -28.42 2.06 -7.31
N HIS B 403 -27.81 2.36 -6.16
CA HIS B 403 -28.51 2.83 -4.94
C HIS B 403 -28.84 4.33 -5.00
N ALA B 404 -30.02 4.67 -5.50
CA ALA B 404 -30.31 6.07 -5.87
C ALA B 404 -30.28 7.03 -4.68
N GLU B 405 -30.81 6.60 -3.54
CA GLU B 405 -30.95 7.47 -2.37
C GLU B 405 -29.58 7.82 -1.79
N LEU B 406 -28.74 6.80 -1.54
CA LEU B 406 -27.44 7.06 -0.96
C LEU B 406 -26.47 7.75 -1.93
N SER B 407 -26.72 7.63 -3.24
CA SER B 407 -25.98 8.48 -4.19
C SER B 407 -26.17 9.97 -3.88
N LYS B 408 -27.18 10.35 -3.15
CA LYS B 408 -27.47 11.79 -3.06
C LYS B 408 -26.38 12.53 -2.28
N ILE B 409 -25.67 11.82 -1.40
CA ILE B 409 -24.64 12.50 -0.59
C ILE B 409 -23.55 13.01 -1.52
N SER B 410 -22.99 12.09 -2.29
CA SER B 410 -21.98 12.49 -3.21
C SER B 410 -22.52 13.41 -4.30
N ILE B 411 -23.70 13.11 -4.81
CA ILE B 411 -24.25 13.99 -5.84
C ILE B 411 -24.43 15.44 -5.36
N HIS B 412 -24.83 15.57 -4.09
CA HIS B 412 -24.97 16.83 -3.41
C HIS B 412 -23.65 17.59 -3.49
N THR B 413 -22.52 16.91 -3.35
CA THR B 413 -21.22 17.62 -3.31
C THR B 413 -20.79 18.02 -4.72
N ALA B 414 -21.16 17.20 -5.72
CA ALA B 414 -20.97 17.52 -7.14
C ALA B 414 -21.74 18.77 -7.55
N ALA B 415 -22.93 18.99 -6.96
CA ALA B 415 -23.65 20.23 -7.24
C ALA B 415 -22.86 21.46 -6.78
N ASP B 416 -22.24 21.42 -5.60
CA ASP B 416 -21.44 22.53 -5.09
C ASP B 416 -20.19 22.64 -5.93
N TYR B 417 -19.53 21.50 -6.12
CA TYR B 417 -18.32 21.51 -6.90
C TYR B 417 -18.51 22.21 -8.24
N SER B 418 -19.54 21.84 -9.00
CA SER B 418 -19.68 22.36 -10.40
C SER B 418 -20.38 23.73 -10.53
N TRP B 419 -21.02 24.19 -9.47
CA TRP B 419 -21.66 25.49 -9.52
C TRP B 419 -20.74 26.58 -8.98
N ASN B 420 -20.07 26.28 -7.86
CA ASN B 420 -19.09 27.18 -7.27
C ASN B 420 -17.73 26.50 -7.07
N MET B 421 -17.04 26.29 -8.19
CA MET B 421 -15.89 25.38 -8.25
C MET B 421 -14.72 25.89 -7.43
N ASP B 422 -14.50 27.18 -7.49
CA ASP B 422 -13.34 27.80 -6.90
C ASP B 422 -13.31 27.76 -5.36
N ASN B 423 -14.46 27.84 -4.73
CA ASN B 423 -14.48 27.71 -3.27
C ASN B 423 -14.86 26.29 -2.79
N TYR B 424 -14.82 25.31 -3.68
CA TYR B 424 -15.27 23.96 -3.29
C TYR B 424 -14.37 23.38 -2.22
N ASP B 425 -14.96 23.06 -1.08
CA ASP B 425 -14.19 22.47 0.01
C ASP B 425 -14.80 21.09 0.28
N TYR B 426 -14.08 20.04 -0.10
CA TYR B 426 -14.68 18.72 -0.08
C TYR B 426 -15.17 18.34 1.32
N ASP B 427 -14.37 18.62 2.35
CA ASP B 427 -14.78 18.20 3.68
C ASP B 427 -16.02 18.97 4.18
N LYS B 428 -15.99 20.28 3.97
CA LYS B 428 -17.14 21.10 4.28
C LYS B 428 -18.37 20.70 3.47
N ALA B 429 -18.18 20.47 2.18
CA ALA B 429 -19.27 20.05 1.31
C ALA B 429 -19.93 18.78 1.78
N TRP B 430 -19.11 17.83 2.21
CA TRP B 430 -19.58 16.51 2.58
C TRP B 430 -20.39 16.61 3.88
N ASN B 431 -19.89 17.40 4.82
CA ASN B 431 -20.62 17.62 6.05
C ASN B 431 -21.97 18.27 5.80
N ARG B 432 -21.96 19.25 4.89
CA ARG B 432 -23.13 20.04 4.60
C ARG B 432 -24.12 19.15 3.86
N ALA B 433 -23.60 18.11 3.21
CA ALA B 433 -24.45 17.21 2.44
C ALA B 433 -25.22 16.31 3.39
N ILE B 434 -24.52 15.76 4.37
CA ILE B 434 -25.19 14.89 5.33
C ILE B 434 -26.07 15.66 6.30
N ASP B 435 -25.61 16.80 6.78
CA ASP B 435 -26.48 17.70 7.55
C ASP B 435 -27.80 17.93 6.84
N MET B 436 -27.77 18.34 5.57
CA MET B 436 -28.97 18.75 4.87
C MET B 436 -29.86 17.57 4.46
N LEU B 437 -29.24 16.42 4.19
CA LEU B 437 -30.01 15.24 3.81
C LEU B 437 -30.59 14.50 5.00
N TYR B 438 -29.87 14.48 6.11
CA TYR B 438 -30.16 13.56 7.19
C TYR B 438 -30.81 14.17 8.41
N GLY B 439 -30.84 15.49 8.51
CA GLY B 439 -31.54 16.14 9.61
C GLY B 439 -31.01 15.66 10.95
N ASP B 440 -31.92 15.16 11.79
CA ASP B 440 -31.55 14.76 13.14
C ASP B 440 -30.59 13.59 13.15
N LEU B 441 -30.47 12.88 12.04
CA LEU B 441 -29.64 11.69 12.03
C LEU B 441 -28.27 12.02 11.42
N ALA B 442 -28.04 13.28 11.09
CA ALA B 442 -26.80 13.69 10.43
C ALA B 442 -25.53 13.24 11.15
N GLU B 443 -25.44 13.48 12.45
CA GLU B 443 -24.19 13.17 13.15
C GLU B 443 -23.86 11.69 13.11
N ASP B 444 -24.87 10.85 13.39
CA ASP B 444 -24.71 9.41 13.26
C ASP B 444 -24.41 8.99 11.82
N MET B 445 -25.05 9.61 10.85
CA MET B 445 -24.82 9.22 9.46
C MET B 445 -23.40 9.57 9.05
N LYS B 446 -22.85 10.61 9.66
CA LYS B 446 -21.43 10.91 9.41
C LYS B 446 -20.48 9.85 9.97
N VAL B 447 -20.74 9.38 11.18
CA VAL B 447 -19.90 8.33 11.72
C VAL B 447 -19.81 7.18 10.72
N PHE B 448 -20.96 6.68 10.29
CA PHE B 448 -21.00 5.57 9.38
C PHE B 448 -20.36 5.89 8.00
N ALA B 449 -20.86 6.93 7.34
CA ALA B 449 -20.45 7.29 6.01
C ALA B 449 -18.95 7.64 5.94
N ASN B 450 -18.42 8.20 7.02
CA ASN B 450 -16.97 8.48 7.13
C ASN B 450 -16.10 7.25 6.82
N HIS B 451 -16.65 6.07 7.08
CA HIS B 451 -15.85 4.85 6.88
C HIS B 451 -16.09 4.25 5.52
N SER B 452 -16.82 4.97 4.68
CA SER B 452 -17.24 4.36 3.45
C SER B 452 -17.13 5.33 2.28
N THR B 453 -15.97 6.00 2.15
CA THR B 453 -15.80 6.98 1.08
C THR B 453 -14.80 6.55 -0.01
N ARG B 454 -13.88 5.65 0.33
CA ARG B 454 -12.79 5.24 -0.53
C ARG B 454 -13.19 4.04 -1.36
N MET B 455 -12.95 4.08 -2.66
CA MET B 455 -13.31 2.94 -3.51
C MET B 455 -12.04 2.38 -4.10
N ASP B 456 -11.87 1.07 -4.04
CA ASP B 456 -10.61 0.46 -4.43
C ASP B 456 -10.86 -1.00 -4.70
N ASN B 457 -10.68 -1.45 -5.96
CA ASN B 457 -10.96 -2.84 -6.23
C ASN B 457 -9.68 -3.66 -6.24
N LYS B 458 -8.61 -3.05 -5.73
CA LYS B 458 -7.30 -3.69 -5.63
C LYS B 458 -6.53 -3.74 -6.94
N THR B 459 -7.15 -3.39 -8.06
CA THR B 459 -6.35 -3.33 -9.27
C THR B 459 -6.54 -1.96 -9.95
N TRP B 460 -7.36 -1.89 -10.98
CA TRP B 460 -7.50 -0.74 -11.85
C TRP B 460 -8.47 0.35 -11.39
N ALA B 461 -9.30 0.09 -10.39
CA ALA B 461 -10.29 1.08 -10.07
C ALA B 461 -10.07 1.62 -8.69
N LYS B 462 -9.80 2.90 -8.58
CA LYS B 462 -9.68 3.54 -7.25
C LYS B 462 -9.91 5.06 -7.27
N SER B 463 -10.73 5.51 -6.34
CA SER B 463 -11.03 6.91 -6.24
C SER B 463 -11.72 7.16 -4.91
N GLY B 464 -11.72 8.41 -4.47
CA GLY B 464 -12.51 8.81 -3.32
C GLY B 464 -11.60 9.23 -2.19
N ARG B 465 -12.09 10.11 -1.34
CA ARG B 465 -11.39 10.44 -0.10
C ARG B 465 -11.12 9.15 0.69
N GLU B 466 -9.97 9.06 1.36
CA GLU B 466 -9.68 7.91 2.22
C GLU B 466 -10.74 7.74 3.32
N ASP B 467 -10.92 6.50 3.79
CA ASP B 467 -11.93 6.21 4.78
C ASP B 467 -11.39 6.77 6.11
N ALA B 468 -12.27 7.32 6.94
CA ALA B 468 -11.94 7.70 8.32
C ALA B 468 -10.47 8.04 8.60
N PRO B 469 -9.96 9.09 7.94
CA PRO B 469 -8.51 9.46 8.04
C PRO B 469 -8.08 9.82 9.48
N GLU B 470 -8.95 10.51 10.22
CA GLU B 470 -8.62 10.83 11.61
C GLU B 470 -8.37 9.59 12.47
N LEU B 471 -9.26 8.60 12.36
CA LEU B 471 -9.17 7.41 13.16
C LEU B 471 -7.94 6.59 12.67
N ARG B 472 -7.76 6.56 11.36
CA ARG B 472 -6.59 5.94 10.75
C ARG B 472 -5.28 6.54 11.35
N ALA B 473 -5.23 7.84 11.59
CA ALA B 473 -4.03 8.38 12.22
C ALA B 473 -3.89 8.00 13.71
N LYS B 474 -4.99 7.88 14.44
CA LYS B 474 -4.86 7.45 15.83
C LYS B 474 -4.36 6.01 15.93
N MET B 475 -4.88 5.17 15.04
CA MET B 475 -4.45 3.78 14.96
C MET B 475 -2.95 3.70 14.72
N ASP B 476 -2.48 4.49 13.74
CA ASP B 476 -1.06 4.54 13.51
C ASP B 476 -0.28 4.91 14.78
N GLU B 477 -0.77 5.87 15.53
CA GLU B 477 0.01 6.39 16.65
C GLU B 477 -0.01 5.32 17.73
N LEU B 478 -1.09 4.56 17.78
CA LEU B 478 -1.12 3.43 18.71
C LEU B 478 0.03 2.46 18.45
N TRP B 479 0.22 2.09 17.20
CA TRP B 479 1.30 1.18 16.85
C TRP B 479 2.66 1.84 17.07
N ASN B 480 2.73 3.14 16.76
CA ASN B 480 3.97 3.91 17.03
C ASN B 480 4.32 3.85 18.52
N LYS B 481 3.36 4.11 19.41
CA LYS B 481 3.61 4.05 20.85
C LYS B 481 3.98 2.65 21.34
N LEU B 482 3.24 1.64 20.89
CA LEU B 482 3.50 0.27 21.34
C LEU B 482 4.86 -0.23 20.88
N SER B 483 5.21 -0.03 19.62
CA SER B 483 6.50 -0.51 19.16
C SER B 483 7.67 0.27 19.76
N SER B 484 7.39 1.49 20.25
CA SER B 484 8.40 2.28 20.98
C SER B 484 8.30 1.99 22.46
N LYS B 485 7.39 1.12 22.88
CA LYS B 485 7.28 0.83 24.31
C LYS B 485 6.95 2.07 25.14
N GLU B 486 6.12 2.96 24.61
CA GLU B 486 5.69 4.10 25.39
C GLU B 486 4.28 3.81 25.93
N ASP B 487 3.94 4.39 27.06
CA ASP B 487 2.61 4.18 27.64
C ASP B 487 1.50 4.61 26.68
N ALA B 488 0.50 3.76 26.47
CA ALA B 488 -0.51 4.04 25.47
C ALA B 488 -1.89 4.03 26.09
N SER B 489 -1.92 4.09 27.41
CA SER B 489 -3.16 3.87 28.14
C SER B 489 -4.23 4.85 27.71
N ALA B 490 -3.82 6.10 27.52
CA ALA B 490 -4.76 7.17 27.20
C ALA B 490 -5.25 7.02 25.79
N LEU B 491 -4.39 6.66 24.84
CA LEU B 491 -4.81 6.49 23.44
C LEU B 491 -5.75 5.26 23.27
N ILE B 492 -5.38 4.16 23.92
CA ILE B 492 -6.26 3.01 24.00
C ILE B 492 -7.68 3.35 24.54
N GLU B 493 -7.78 4.15 25.60
CA GLU B 493 -9.08 4.48 26.24
C GLU B 493 -9.89 5.25 25.20
N GLU B 494 -9.20 6.08 24.45
CA GLU B 494 -9.80 6.92 23.43
C GLU B 494 -10.32 6.07 22.25
N LEU B 495 -9.59 5.02 21.87
CA LEU B 495 -10.02 4.18 20.75
C LEU B 495 -11.27 3.33 21.17
N TYR B 496 -11.31 2.86 22.41
CA TYR B 496 -12.54 2.27 22.91
C TYR B 496 -13.67 3.25 22.66
N GLY B 497 -13.44 4.52 22.97
CA GLY B 497 -14.42 5.58 22.72
C GLY B 497 -14.85 5.61 21.26
N GLU B 498 -13.90 5.59 20.35
CA GLU B 498 -14.21 5.58 18.91
C GLU B 498 -14.98 4.32 18.47
N PHE B 499 -14.58 3.15 18.96
CA PHE B 499 -15.23 1.93 18.51
C PHE B 499 -16.64 1.80 19.05
N ALA B 500 -16.86 2.19 20.31
CA ALA B 500 -18.20 2.22 20.89
C ALA B 500 -19.09 3.22 20.17
N ARG B 501 -18.50 4.33 19.73
CA ARG B 501 -19.26 5.34 19.01
C ARG B 501 -19.67 4.91 17.62
N MET B 502 -18.83 4.08 16.98
CA MET B 502 -19.17 3.56 15.66
C MET B 502 -20.37 2.69 15.79
N GLU B 503 -20.25 1.77 16.74
CA GLU B 503 -21.28 0.80 16.94
C GLU B 503 -22.57 1.50 17.38
N GLU B 504 -22.51 2.46 18.28
CA GLU B 504 -23.74 3.08 18.69
C GLU B 504 -24.42 3.87 17.55
N ALA B 505 -23.63 4.56 16.76
CA ALA B 505 -24.14 5.33 15.63
C ALA B 505 -24.84 4.41 14.61
N CYS B 506 -24.29 3.22 14.41
CA CYS B 506 -24.91 2.29 13.45
C CYS B 506 -26.20 1.66 13.99
N ASN B 507 -26.20 1.35 15.27
CA ASN B 507 -27.44 0.91 15.93
C ASN B 507 -28.50 1.98 15.77
N ASN B 508 -28.18 3.23 16.06
CA ASN B 508 -29.16 4.28 15.90
C ASN B 508 -29.65 4.43 14.45
N LEU B 509 -28.73 4.25 13.47
CA LEU B 509 -29.13 4.34 12.09
C LEU B 509 -30.04 3.18 11.70
N LYS B 510 -29.79 1.96 12.21
CA LYS B 510 -30.66 0.82 11.90
C LYS B 510 -32.05 1.08 12.46
N ALA B 511 -32.11 1.68 13.66
CA ALA B 511 -33.39 1.92 14.30
C ALA B 511 -34.17 3.14 13.70
N ASN B 512 -33.47 4.14 13.18
CA ASN B 512 -34.16 5.35 12.81
C ASN B 512 -34.08 5.80 11.34
N LEU B 513 -33.11 5.29 10.57
CA LEU B 513 -33.08 5.68 9.16
C LEU B 513 -34.45 5.41 8.46
N PRO B 514 -34.92 6.37 7.65
CA PRO B 514 -36.09 6.05 6.81
C PRO B 514 -35.78 4.79 6.00
N GLU B 515 -36.82 4.01 5.72
CA GLU B 515 -36.66 2.74 5.04
C GLU B 515 -36.01 2.93 3.68
N VAL B 516 -36.33 4.03 3.02
CA VAL B 516 -35.76 4.30 1.69
C VAL B 516 -34.23 4.36 1.72
N ALA B 517 -33.69 4.85 2.83
CA ALA B 517 -32.24 4.88 2.99
C ALA B 517 -31.71 3.57 3.57
N LEU B 518 -32.41 3.02 4.53
CA LEU B 518 -31.97 1.81 5.24
C LEU B 518 -31.84 0.59 4.32
N GLU B 519 -32.78 0.46 3.39
CA GLU B 519 -32.85 -0.62 2.42
C GLU B 519 -31.58 -0.67 1.59
N GLU B 520 -30.96 0.49 1.34
CA GLU B 520 -29.71 0.49 0.59
C GLU B 520 -28.46 0.18 1.43
N CYS B 521 -28.54 0.25 2.76
CA CYS B 521 -27.28 0.14 3.50
C CYS B 521 -27.26 -0.80 4.67
N SER B 522 -28.35 -1.51 4.91
CA SER B 522 -28.43 -2.24 6.15
C SER B 522 -27.31 -3.29 6.29
N ARG B 523 -26.81 -3.86 5.20
CA ARG B 523 -25.81 -4.88 5.43
C ARG B 523 -24.45 -4.20 5.77
N GLN B 524 -24.24 -3.00 5.21
CA GLN B 524 -23.02 -2.24 5.46
C GLN B 524 -23.06 -1.72 6.87
N LEU B 525 -24.25 -1.42 7.37
CA LEU B 525 -24.36 -0.98 8.76
C LEU B 525 -23.91 -2.10 9.63
N ASP B 526 -24.44 -3.31 9.37
CA ASP B 526 -24.13 -4.51 10.14
C ASP B 526 -22.66 -4.85 10.09
N GLU B 527 -22.07 -4.73 8.89
CA GLU B 527 -20.64 -4.98 8.66
C GLU B 527 -19.78 -4.06 9.51
N LEU B 528 -20.17 -2.80 9.61
CA LEU B 528 -19.34 -1.85 10.40
C LEU B 528 -19.52 -2.08 11.90
N ILE B 529 -20.68 -2.53 12.33
CA ILE B 529 -20.84 -2.94 13.73
C ILE B 529 -19.94 -4.15 14.06
N THR B 530 -19.89 -5.15 13.19
CA THR B 530 -18.99 -6.29 13.37
C THR B 530 -17.55 -5.83 13.45
N LEU B 531 -17.16 -4.96 12.52
CA LEU B 531 -15.80 -4.42 12.54
C LEU B 531 -15.57 -3.64 13.83
N ALA B 532 -16.48 -2.75 14.19
CA ALA B 532 -16.28 -2.07 15.49
C ALA B 532 -16.10 -3.04 16.67
N GLN B 533 -16.91 -4.08 16.73
CA GLN B 533 -16.78 -5.09 17.81
C GLN B 533 -15.42 -5.84 17.77
N GLY B 534 -14.89 -6.04 16.56
CA GLY B 534 -13.58 -6.72 16.37
C GLY B 534 -12.41 -5.80 16.69
N ASP B 535 -12.61 -4.51 16.44
CA ASP B 535 -11.64 -3.48 16.82
C ASP B 535 -11.55 -3.38 18.37
N LYS B 536 -12.71 -3.43 19.02
CA LYS B 536 -12.81 -3.42 20.46
C LYS B 536 -12.12 -4.65 21.03
N ALA B 537 -12.47 -5.84 20.56
CA ALA B 537 -11.79 -7.03 21.07
C ALA B 537 -10.28 -6.96 20.79
N SER B 538 -9.92 -6.30 19.70
CA SER B 538 -8.52 -6.12 19.35
C SER B 538 -7.85 -5.30 20.44
N LEU B 539 -8.48 -4.21 20.87
CA LEU B 539 -7.95 -3.47 22.03
C LEU B 539 -7.84 -4.39 23.27
N ASP B 540 -8.87 -5.19 23.55
CA ASP B 540 -8.82 -6.13 24.73
C ASP B 540 -7.60 -7.04 24.61
N MET B 541 -7.29 -7.45 23.39
CA MET B 541 -6.19 -8.36 23.10
C MET B 541 -4.87 -7.68 23.39
N ILE B 542 -4.73 -6.42 22.98
CA ILE B 542 -3.51 -5.65 23.29
C ILE B 542 -3.31 -5.47 24.81
N VAL B 543 -4.35 -5.01 25.48
CA VAL B 543 -4.25 -4.81 26.92
C VAL B 543 -3.80 -6.10 27.61
N ALA B 544 -4.40 -7.22 27.23
CA ALA B 544 -4.13 -8.46 27.91
C ALA B 544 -2.65 -8.83 27.78
N GLN B 545 -2.06 -8.60 26.60
CA GLN B 545 -0.64 -8.89 26.35
C GLN B 545 0.24 -7.98 27.24
N LEU B 546 -0.08 -6.69 27.26
CA LEU B 546 0.57 -5.73 28.18
C LEU B 546 0.37 -6.12 29.66
N ASN B 547 -0.78 -6.69 30.02
CA ASN B 547 -0.93 -7.16 31.42
C ASN B 547 -0.37 -8.55 31.60
N GLU B 548 0.15 -9.11 30.52
CA GLU B 548 0.67 -10.48 30.54
C GLU B 548 -0.38 -11.47 31.07
N ASP B 549 -1.64 -11.22 30.74
CA ASP B 549 -2.74 -12.08 31.11
C ASP B 549 -3.06 -13.00 29.92
N THR B 550 -2.61 -14.24 30.01
CA THR B 550 -2.59 -15.09 28.85
C THR B 550 -3.98 -15.55 28.43
N GLU B 551 -4.90 -15.62 29.38
CA GLU B 551 -6.19 -16.20 29.09
C GLU B 551 -7.14 -15.13 28.60
N ALA B 552 -6.96 -13.91 29.09
CA ALA B 552 -7.78 -12.80 28.64
C ALA B 552 -7.37 -12.47 27.20
N TYR B 553 -6.10 -12.69 26.88
CA TYR B 553 -5.56 -12.52 25.54
C TYR B 553 -6.21 -13.48 24.53
N GLU B 554 -6.12 -14.77 24.82
CA GLU B 554 -6.66 -15.81 23.94
C GLU B 554 -8.12 -15.54 23.68
N SER B 555 -8.84 -15.19 24.71
CA SER B 555 -10.25 -15.01 24.63
C SER B 555 -10.62 -13.78 23.84
N ALA B 556 -9.81 -12.71 23.91
CA ALA B 556 -10.07 -11.53 23.03
C ALA B 556 -9.71 -11.81 21.58
N LYS B 557 -8.64 -12.58 21.41
CA LYS B 557 -8.11 -12.90 20.07
C LYS B 557 -9.13 -13.74 19.31
N GLU B 558 -9.80 -14.64 20.03
CA GLU B 558 -10.82 -15.49 19.44
C GLU B 558 -11.97 -14.64 18.85
N ILE B 559 -12.42 -13.66 19.64
CA ILE B 559 -13.46 -12.73 19.17
C ILE B 559 -12.98 -11.87 18.02
N ALA B 560 -11.84 -11.24 18.18
CA ALA B 560 -11.26 -10.41 17.14
C ALA B 560 -11.21 -11.18 15.83
N GLN B 561 -10.65 -12.40 15.86
CA GLN B 561 -10.59 -13.28 14.67
C GLN B 561 -11.96 -13.65 14.09
N ASN B 562 -12.94 -14.00 14.93
CA ASN B 562 -14.30 -14.31 14.42
C ASN B 562 -14.99 -13.07 13.81
N LYS B 563 -14.89 -11.91 14.45
CA LYS B 563 -15.45 -10.71 13.83
C LYS B 563 -14.79 -10.51 12.46
N LEU B 564 -13.49 -10.73 12.36
CA LEU B 564 -12.77 -10.40 11.12
C LEU B 564 -13.25 -11.36 10.06
N ASN B 565 -13.34 -12.64 10.44
CA ASN B 565 -13.84 -13.65 9.55
C ASN B 565 -15.27 -13.37 9.06
N THR B 566 -16.15 -12.97 9.94
CA THR B 566 -17.47 -12.52 9.47
C THR B 566 -17.36 -11.42 8.43
N ALA B 567 -16.58 -10.40 8.74
CA ALA B 567 -16.40 -9.24 7.87
C ALA B 567 -15.88 -9.65 6.49
N LEU B 568 -14.85 -10.48 6.47
CA LEU B 568 -14.23 -10.98 5.24
C LEU B 568 -15.20 -11.86 4.44
N SER B 569 -16.00 -12.67 5.12
CA SER B 569 -16.92 -13.56 4.43
C SER B 569 -18.22 -12.90 3.99
N SER B 570 -18.47 -11.68 4.40
CA SER B 570 -19.71 -10.98 4.01
C SER B 570 -19.68 -10.29 2.64
N PHE B 571 -20.81 -10.26 1.95
CA PHE B 571 -20.94 -9.40 0.79
C PHE B 571 -20.57 -7.92 1.04
N ALA B 572 -21.03 -7.36 2.14
CA ALA B 572 -20.82 -5.94 2.41
C ALA B 572 -19.32 -5.62 2.68
N VAL B 573 -18.89 -4.44 2.27
CA VAL B 573 -17.53 -4.08 2.37
C VAL B 573 -17.49 -2.67 2.91
N ILE B 574 -16.68 -2.46 3.96
CA ILE B 574 -16.55 -1.11 4.47
C ILE B 574 -15.23 -0.98 5.19
N SER B 575 -14.63 0.19 5.08
CA SER B 575 -13.53 0.58 5.94
C SER B 575 -12.43 -0.42 5.79
N GLU B 576 -12.07 -0.81 4.56
CA GLU B 576 -11.03 -1.81 4.45
C GLU B 576 -9.70 -1.44 5.13
N LYS B 577 -9.27 -0.18 4.93
CA LYS B 577 -7.92 0.19 5.36
C LYS B 577 -7.89 0.69 6.81
N VAL B 578 -9.02 0.64 7.49
CA VAL B 578 -9.17 1.31 8.75
C VAL B 578 -9.75 0.31 9.77
N ALA B 579 -11.07 0.23 9.93
CA ALA B 579 -11.62 -0.69 10.97
C ALA B 579 -11.31 -2.16 10.68
N GLN B 580 -11.18 -2.51 9.42
CA GLN B 580 -10.95 -3.90 9.09
C GLN B 580 -9.45 -4.18 9.16
N SER B 581 -8.64 -3.27 8.62
CA SER B 581 -7.19 -3.45 8.67
C SER B 581 -6.69 -3.40 10.13
N PHE B 582 -7.25 -2.51 10.93
CA PHE B 582 -6.86 -2.47 12.36
C PHE B 582 -6.79 -3.85 12.99
N ILE B 583 -7.80 -4.70 12.73
CA ILE B 583 -7.88 -6.03 13.36
C ILE B 583 -6.73 -6.89 12.87
N GLN B 584 -6.45 -6.83 11.57
CA GLN B 584 -5.35 -7.60 11.03
C GLN B 584 -4.04 -7.08 11.60
N GLU B 585 -3.92 -5.77 11.64
CA GLU B 585 -2.72 -5.18 12.23
C GLU B 585 -2.52 -5.69 13.65
N ALA B 586 -3.59 -5.67 14.45
CA ALA B 586 -3.50 -6.06 15.84
C ALA B 586 -3.10 -7.54 16.01
N LEU B 587 -3.71 -8.42 15.19
CA LEU B 587 -3.36 -9.84 15.22
C LEU B 587 -1.90 -10.09 14.83
N SER B 588 -1.32 -9.19 14.05
CA SER B 588 0.05 -9.38 13.55
C SER B 588 1.09 -8.72 14.47
N PHE B 589 0.66 -7.87 15.39
CA PHE B 589 1.58 -7.23 16.31
C PHE B 589 1.88 -8.19 17.47
N ASP B 590 3.10 -8.68 17.58
CA ASP B 590 3.37 -9.66 18.63
C ASP B 590 3.87 -8.95 19.86
N LEU B 591 3.03 -8.96 20.89
CA LEU B 591 3.41 -8.30 22.13
C LEU B 591 3.68 -9.34 23.21
N THR B 592 3.78 -10.60 22.82
CA THR B 592 4.08 -11.63 23.81
C THR B 592 5.59 -11.77 23.94
N LEU B 593 6.33 -10.89 23.30
CA LEU B 593 7.77 -10.99 23.27
C LEU B 593 8.33 -10.43 24.55
N ILE B 594 8.83 -11.32 25.40
CA ILE B 594 9.25 -10.98 26.75
C ILE B 594 10.46 -11.85 27.07
CL CL C . -1.59 -17.80 6.68
CL CL D . 19.12 2.60 41.28
NA NA E . 36.47 4.91 15.22
CBA VGB F . 19.00 -3.57 18.56
CAN VGB F . 18.27 -4.35 19.64
CAL VGB F . 17.03 -5.14 19.17
OAM VGB F . 16.64 -5.22 18.00
NAK VGB F . 16.41 -5.73 20.18
CAC VGB F . 15.20 -6.56 19.99
CAB VGB F . 15.56 -7.82 19.23
OAG VGB F . 15.97 -8.74 20.22
CAA VGB F . 14.35 -8.35 18.45
OAH VGB F . 14.74 -9.60 17.88
CAF VGB F . 14.01 -7.33 17.37
CAI VGB F . 13.01 -7.74 16.28
OAJ VGB F . 11.88 -8.32 16.90
NAE VGB F . 13.46 -6.19 18.12
CAQ VGB F . 12.46 -5.38 17.90
CAD VGB F . 14.04 -5.80 19.35
NAO VGB F . 13.33 -4.80 19.81
CAP VGB F . 12.39 -4.52 18.93
CAR VGB F . 11.39 -3.36 19.09
CAS VGB F . 10.78 -3.39 20.50
CAT VGB F . 9.69 -4.46 20.66
CAU VGB F . 8.46 -4.30 20.02
CAV VGB F . 7.45 -5.23 20.18
CAW VGB F . 7.69 -6.34 21.00
CAX VGB F . 8.91 -6.52 21.65
CAY VGB F . 9.92 -5.57 21.47
CL CL G . -6.40 14.92 0.63
CL CL H . -20.56 -11.12 14.19
CL CL I . -19.74 -3.06 -41.47
CBA VGB J . -16.94 6.55 -19.48
CAN VGB J . -17.58 5.30 -19.99
CAL VGB J . -17.69 4.24 -18.92
OAM VGB J . -17.20 4.43 -17.81
NAK VGB J . -18.40 3.16 -19.24
CAC VGB J . -18.62 2.05 -18.30
CAB VGB J . -19.63 2.46 -17.19
OAG VGB J . -20.93 2.08 -17.57
CAA VGB J . -19.30 1.81 -15.82
OAH VGB J . -20.19 2.31 -14.84
CAF VGB J . -17.93 2.23 -15.41
CAI VGB J . -17.55 1.82 -13.97
OAJ VGB J . -17.50 0.41 -13.92
NAE VGB J . -16.98 1.62 -16.36
CAQ VGB J . -15.78 1.10 -16.18
CAD VGB J . -17.29 1.53 -17.73
NAO VGB J . -16.25 0.94 -18.29
CAP VGB J . -15.34 0.65 -17.35
CAR VGB J . -13.94 -0.02 -17.51
CAS VGB J . -13.88 -1.23 -18.44
CAT VGB J . -14.72 -2.40 -17.92
CAU VGB J . -14.07 -3.43 -17.23
CAV VGB J . -14.86 -4.50 -16.78
CAW VGB J . -16.24 -4.54 -17.01
CAX VGB J . -16.88 -3.50 -17.70
CAY VGB J . -16.11 -2.43 -18.15
#